data_5E78
#
_entry.id   5E78
#
_cell.length_a   58.970
_cell.length_b   128.540
_cell.length_c   150.060
_cell.angle_alpha   90.00
_cell.angle_beta   90.00
_cell.angle_gamma   90.00
#
_symmetry.space_group_name_H-M   'P 21 21 21'
#
loop_
_entity.id
_entity.type
_entity.pdbx_description
1 polymer 'Bifunctional P-450/NADPH-P450 reductase'
2 non-polymer 'PROTOPORPHYRIN IX CONTAINING FE'
3 non-polymer 'COBALT (II) ION'
4 non-polymer 1,3,6,8,10,13,16,19-octaazabicyclo[6.6.6]icosane
5 non-polymer 'CHLORIDE ION'
6 water water
#
_entity_poly.entity_id   1
_entity_poly.type   'polypeptide(L)'
_entity_poly.pdbx_seq_one_letter_code
;TIKEMPQPKTFGELKNLPLLNTDKPVQALMKIADELGEIFKFEAPGRVTRYLSSQRLIKEACDESRFDKNLSQALKFVRD
FAGDGLATSWTHEKNWKKAHNILLPSFSQQAMKGYHAMMVDIAVQLVQKWERLNADEHIEVPEDMTRLTLDTIGLCGFNY
RFNSFYRDQPHPFITSMVRALDEAMNKLQRANPDDPAYDENKRQFQEDIKVMNDLVDKIIADRKASGEQSDDLLTHMLNG
KDPETGEPLDDENIRYQIITFLIAGHETTSGLLSFALYFLGKNPHVLQKAAEEAARVLVDPVPSYKQVKQLKYVGMVLNE
ALRLWPTAPAFSLYAKEDTVLGGEYPLEKGDELSVLIPQLHRDKTIWGDDVEEFRPERFENPSAIPQHAFKPFGNGQRAC
IGQQFALHEATLVLGMMLKHFDFEDHTNYELDIKETLTLKPEGFVVKAKSKKIPL
;
_entity_poly.pdbx_strand_id   A,B
#
loop_
_chem_comp.id
_chem_comp.type
_chem_comp.name
_chem_comp.formula
5KK non-polymer 1,3,6,8,10,13,16,19-octaazabicyclo[6.6.6]icosane 'C12 H30 N8'
CL non-polymer 'CHLORIDE ION' 'Cl -1'
CO non-polymer 'COBALT (II) ION' 'Co 2'
HEM non-polymer 'PROTOPORPHYRIN IX CONTAINING FE' 'C34 H32 Fe N4 O4'
#
# COMPACT_ATOMS: atom_id res chain seq x y z
N LYS A 3 15.20 -25.57 16.15
CA LYS A 3 14.66 -26.41 17.27
C LYS A 3 15.21 -25.96 18.66
N GLU A 4 16.54 -25.95 18.85
CA GLU A 4 17.17 -25.28 20.00
C GLU A 4 17.43 -23.81 19.63
N MET A 5 16.98 -22.89 20.46
CA MET A 5 17.02 -21.49 20.16
C MET A 5 18.37 -20.85 20.46
N PRO A 6 18.92 -20.03 19.55
CA PRO A 6 20.16 -19.33 19.91
C PRO A 6 19.98 -18.32 21.06
N GLN A 7 21.10 -17.94 21.65
CA GLN A 7 21.11 -17.04 22.80
C GLN A 7 22.40 -16.24 22.75
N PRO A 8 22.34 -14.93 23.01
CA PRO A 8 23.57 -14.11 23.00
C PRO A 8 24.47 -14.37 24.21
N LYS A 9 25.61 -13.68 24.18
CA LYS A 9 26.66 -13.92 25.17
C LYS A 9 26.20 -13.65 26.62
N THR A 10 26.75 -14.42 27.53
CA THR A 10 26.37 -14.39 28.91
C THR A 10 27.50 -13.87 29.81
N PHE A 11 27.10 -13.49 31.03
CA PHE A 11 27.97 -12.82 31.97
C PHE A 11 27.89 -13.56 33.31
N GLY A 12 28.22 -14.86 33.31
CA GLY A 12 28.06 -15.70 34.50
C GLY A 12 26.65 -15.61 35.10
N GLU A 13 26.61 -15.37 36.40
CA GLU A 13 25.35 -15.33 37.16
C GLU A 13 24.33 -14.30 36.67
N LEU A 14 24.77 -13.19 36.07
CA LEU A 14 23.85 -12.19 35.50
C LEU A 14 23.24 -12.57 34.14
N LYS A 15 23.67 -13.70 33.61
CA LYS A 15 23.15 -14.24 32.36
C LYS A 15 23.26 -13.17 31.26
N ASN A 16 22.19 -12.85 30.54
CA ASN A 16 22.25 -11.83 29.48
C ASN A 16 22.01 -10.38 29.94
N LEU A 17 21.75 -10.20 31.24
CA LEU A 17 21.21 -8.91 31.74
C LEU A 17 22.12 -7.73 31.41
N PRO A 18 23.45 -7.88 31.56
CA PRO A 18 24.30 -6.73 31.25
C PRO A 18 24.29 -6.24 29.81
N LEU A 19 23.76 -7.03 28.87
CA LEU A 19 23.57 -6.56 27.49
C LEU A 19 22.58 -5.38 27.39
N LEU A 20 21.63 -5.31 28.32
CA LEU A 20 20.70 -4.16 28.37
C LEU A 20 21.23 -3.00 29.20
N ASN A 21 22.41 -3.14 29.78
CA ASN A 21 23.01 -2.04 30.54
C ASN A 21 23.76 -1.13 29.58
N THR A 22 22.98 -0.32 28.88
CA THR A 22 23.46 0.51 27.80
C THR A 22 22.46 1.63 27.54
N ASP A 23 22.93 2.73 26.98
CA ASP A 23 22.07 3.84 26.51
C ASP A 23 20.98 3.39 25.51
N LYS A 24 21.31 2.39 24.68
CA LYS A 24 20.49 2.12 23.50
C LYS A 24 20.15 0.62 23.40
N PRO A 25 19.32 0.11 24.31
CA PRO A 25 19.06 -1.33 24.38
C PRO A 25 18.32 -1.94 23.18
N VAL A 26 17.31 -1.24 22.65
CA VAL A 26 16.60 -1.72 21.44
C VAL A 26 17.57 -1.81 20.28
N GLN A 27 18.40 -0.80 20.11
CA GLN A 27 19.40 -0.87 19.04
C GLN A 27 20.42 -2.01 19.24
N ALA A 28 20.79 -2.28 20.49
CA ALA A 28 21.62 -3.40 20.80
C ALA A 28 20.91 -4.73 20.46
N LEU A 29 19.63 -4.85 20.78
CA LEU A 29 18.88 -6.06 20.46
C LEU A 29 18.70 -6.27 18.93
N MET A 30 18.55 -5.19 18.18
CA MET A 30 18.44 -5.28 16.73
C MET A 30 19.71 -5.90 16.14
N LYS A 31 20.88 -5.44 16.63
CA LYS A 31 22.18 -6.05 16.24
C LYS A 31 22.27 -7.52 16.62
N ILE A 32 21.79 -7.89 17.80
CA ILE A 32 21.79 -9.28 18.20
C ILE A 32 20.88 -10.08 17.25
N ALA A 33 19.69 -9.55 16.96
CA ALA A 33 18.77 -10.17 15.99
C ALA A 33 19.39 -10.35 14.59
N ASP A 34 20.13 -9.36 14.13
CA ASP A 34 20.87 -9.53 12.85
C ASP A 34 21.83 -10.68 12.91
N GLU A 35 22.49 -10.87 14.05
CA GLU A 35 23.40 -12.01 14.23
C GLU A 35 22.74 -13.37 14.40
N LEU A 36 21.67 -13.43 15.18
CA LEU A 36 21.12 -14.70 15.60
C LEU A 36 19.87 -15.14 14.84
N GLY A 37 19.20 -14.21 14.17
CA GLY A 37 18.06 -14.56 13.36
C GLY A 37 16.72 -14.22 13.98
N GLU A 38 15.71 -14.94 13.52
CA GLU A 38 14.31 -14.64 13.82
C GLU A 38 13.89 -14.83 15.28
N ILE A 39 14.66 -15.57 16.05
CA ILE A 39 14.33 -15.81 17.44
C ILE A 39 15.58 -16.05 18.31
N PHE A 40 15.61 -15.41 19.47
CA PHE A 40 16.62 -15.73 20.48
C PHE A 40 16.11 -15.59 21.91
N LYS A 41 16.64 -16.45 22.77
CA LYS A 41 16.36 -16.46 24.19
C LYS A 41 17.16 -15.39 24.88
N PHE A 42 16.54 -14.72 25.84
CA PHE A 42 17.22 -13.73 26.67
C PHE A 42 16.92 -14.01 28.12
N GLU A 43 17.95 -14.34 28.89
CA GLU A 43 17.83 -14.70 30.30
C GLU A 43 18.38 -13.61 31.19
N ALA A 44 17.74 -13.48 32.34
CA ALA A 44 18.20 -12.60 33.41
C ALA A 44 17.91 -13.33 34.73
N PRO A 45 18.54 -12.91 35.84
CA PRO A 45 18.24 -13.62 37.11
C PRO A 45 16.72 -13.66 37.39
N GLY A 46 16.18 -14.87 37.51
CA GLY A 46 14.76 -15.07 37.77
C GLY A 46 13.80 -14.90 36.61
N ARG A 47 14.25 -14.54 35.40
CA ARG A 47 13.33 -14.40 34.26
C ARG A 47 13.93 -14.77 32.90
N VAL A 48 13.02 -15.08 31.97
CA VAL A 48 13.31 -15.39 30.57
C VAL A 48 12.30 -14.72 29.66
N THR A 49 12.78 -14.25 28.52
CA THR A 49 11.93 -13.89 27.40
C THR A 49 12.56 -14.35 26.07
N ARG A 50 11.77 -14.34 25.02
CA ARG A 50 12.24 -14.69 23.69
C ARG A 50 11.91 -13.58 22.72
N TYR A 51 12.92 -13.05 22.06
CA TYR A 51 12.77 -11.94 21.13
C TYR A 51 12.52 -12.45 19.71
N LEU A 52 11.42 -12.00 19.13
CA LEU A 52 10.98 -12.35 17.77
C LEU A 52 11.18 -11.24 16.79
N SER A 53 11.66 -11.59 15.59
CA SER A 53 12.01 -10.63 14.56
C SER A 53 11.43 -10.91 13.15
N SER A 54 10.89 -12.11 12.90
CA SER A 54 10.41 -12.48 11.56
C SER A 54 8.91 -12.36 11.51
N GLN A 55 8.37 -12.00 10.34
CA GLN A 55 6.92 -12.01 10.13
C GLN A 55 6.33 -13.40 10.31
N ARG A 56 7.09 -14.43 9.94
CA ARG A 56 6.69 -15.84 10.11
C ARG A 56 6.29 -16.16 11.55
N LEU A 57 7.13 -15.81 12.52
CA LEU A 57 6.85 -16.09 13.93
C LEU A 57 5.94 -15.05 14.52
N ILE A 58 6.10 -13.81 14.12
CA ILE A 58 5.28 -12.73 14.71
C ILE A 58 3.81 -12.86 14.32
N LYS A 59 3.49 -13.37 13.14
CA LYS A 59 2.07 -13.60 12.83
C LYS A 59 1.42 -14.63 13.80
N GLU A 60 2.15 -15.66 14.23
CA GLU A 60 1.65 -16.62 15.21
C GLU A 60 1.51 -15.96 16.58
N ALA A 61 2.51 -15.20 16.99
CA ALA A 61 2.44 -14.46 18.24
C ALA A 61 1.21 -13.52 18.30
N CYS A 62 0.80 -12.99 17.16
CA CYS A 62 -0.38 -12.08 17.02
C CYS A 62 -1.74 -12.77 17.00
N ASP A 63 -1.73 -14.11 17.12
CA ASP A 63 -2.92 -14.93 17.27
C ASP A 63 -3.42 -14.79 18.70
N GLU A 64 -4.53 -14.04 18.83
CA GLU A 64 -5.13 -13.74 20.14
C GLU A 64 -5.71 -14.92 20.88
N SER A 65 -6.02 -16.00 20.16
CA SER A 65 -6.44 -17.23 20.81
C SER A 65 -5.28 -17.93 21.54
N ARG A 66 -4.04 -17.68 21.14
CA ARG A 66 -2.86 -18.31 21.76
C ARG A 66 -2.00 -17.42 22.66
N PHE A 67 -1.98 -16.12 22.38
CA PHE A 67 -1.14 -15.16 23.12
C PHE A 67 -1.94 -13.89 23.46
N ASP A 68 -1.71 -13.34 24.66
CA ASP A 68 -2.30 -12.09 25.17
C ASP A 68 -1.16 -11.13 25.53
N LYS A 69 -1.50 -9.86 25.66
CA LYS A 69 -0.55 -8.83 26.08
C LYS A 69 0.04 -9.12 27.46
N ASN A 70 1.37 -9.01 27.54
CA ASN A 70 2.11 -9.03 28.78
C ASN A 70 2.60 -7.63 29.11
N LEU A 71 2.67 -7.28 30.41
CA LEU A 71 3.31 -6.03 30.84
C LEU A 71 4.82 -6.30 31.02
N SER A 72 5.62 -5.67 30.17
CA SER A 72 7.08 -5.63 30.34
C SER A 72 7.43 -5.01 31.69
N GLN A 73 8.69 -5.12 32.10
CA GLN A 73 9.09 -4.50 33.38
C GLN A 73 8.92 -2.96 33.38
N ALA A 74 9.21 -2.34 32.25
CA ALA A 74 8.97 -0.90 32.04
C ALA A 74 7.50 -0.51 32.26
N LEU A 75 6.60 -1.26 31.64
CA LEU A 75 5.16 -1.02 31.84
C LEU A 75 4.77 -1.22 33.28
N LYS A 76 5.35 -2.23 33.94
CA LYS A 76 5.09 -2.43 35.37
C LYS A 76 5.54 -1.22 36.23
N PHE A 77 6.66 -0.60 35.91
CA PHE A 77 7.08 0.61 36.64
C PHE A 77 6.26 1.84 36.31
N VAL A 78 5.89 2.00 35.03
CA VAL A 78 4.99 3.11 34.63
C VAL A 78 3.63 3.02 35.33
N ARG A 79 3.20 1.78 35.58
CA ARG A 79 1.93 1.52 36.30
C ARG A 79 1.85 2.18 37.68
N ASP A 80 2.97 2.45 38.34
CA ASP A 80 2.94 3.23 39.56
C ASP A 80 2.37 4.64 39.42
N PHE A 81 2.34 5.21 38.22
CA PHE A 81 1.61 6.48 38.00
C PHE A 81 0.56 6.49 36.88
N ALA A 82 0.58 5.49 35.99
CA ALA A 82 -0.50 5.34 34.99
C ALA A 82 -1.56 4.33 35.44
N GLY A 83 -1.33 3.66 36.57
CA GLY A 83 -2.33 2.83 37.24
C GLY A 83 -2.89 1.78 36.30
N ASP A 84 -4.21 1.60 36.38
CA ASP A 84 -4.92 0.68 35.49
C ASP A 84 -5.59 1.46 34.35
N GLY A 85 -4.87 2.46 33.83
CA GLY A 85 -5.17 3.03 32.52
C GLY A 85 -5.05 1.99 31.43
N LEU A 86 -5.49 2.33 30.24
CA LEU A 86 -5.58 1.35 29.17
C LEU A 86 -4.25 0.68 28.84
N ALA A 87 -3.14 1.44 28.85
CA ALA A 87 -1.84 0.89 28.35
C ALA A 87 -1.11 0.01 29.36
N THR A 88 -1.38 0.20 30.65
CA THR A 88 -0.71 -0.54 31.73
C THR A 88 -1.66 -1.50 32.49
N SER A 89 -2.84 -1.77 31.93
CA SER A 89 -3.77 -2.77 32.46
C SER A 89 -3.62 -4.14 31.77
N TRP A 90 -3.89 -5.22 32.50
CA TRP A 90 -3.99 -6.55 31.91
C TRP A 90 -5.36 -6.68 31.27
N THR A 91 -5.41 -7.47 30.21
CA THR A 91 -6.65 -7.70 29.47
C THR A 91 -7.76 -8.25 30.36
N HIS A 92 -7.41 -9.04 31.37
CA HIS A 92 -8.37 -9.65 32.31
C HIS A 92 -8.81 -8.75 33.48
N GLU A 93 -8.23 -7.56 33.66
CA GLU A 93 -8.74 -6.62 34.65
C GLU A 93 -10.04 -5.97 34.15
N LYS A 94 -11.06 -5.94 35.01
CA LYS A 94 -12.35 -5.33 34.66
C LYS A 94 -12.19 -3.96 34.03
N ASN A 95 -11.30 -3.14 34.58
CA ASN A 95 -11.13 -1.76 34.06
C ASN A 95 -10.54 -1.66 32.66
N TRP A 96 -9.87 -2.73 32.20
CA TRP A 96 -9.33 -2.71 30.82
C TRP A 96 -10.56 -2.70 29.87
N LYS A 97 -11.39 -3.74 29.94
CA LYS A 97 -12.50 -3.90 29.00
C LYS A 97 -13.52 -2.77 29.08
N LYS A 98 -13.76 -2.32 30.31
CA LYS A 98 -14.67 -1.22 30.58
C LYS A 98 -14.24 0.04 29.90
N ALA A 99 -12.98 0.45 30.15
CA ALA A 99 -12.45 1.67 29.56
C ALA A 99 -12.33 1.56 28.02
N HIS A 100 -11.93 0.37 27.56
CA HIS A 100 -11.87 0.08 26.11
C HIS A 100 -13.22 0.27 25.41
N ASN A 101 -14.29 -0.33 25.96
CA ASN A 101 -15.65 -0.16 25.42
C ASN A 101 -16.11 1.30 25.46
N ILE A 102 -15.82 1.99 26.56
CA ILE A 102 -16.26 3.36 26.70
C ILE A 102 -15.49 4.29 25.74
N LEU A 103 -14.19 4.09 25.57
CA LEU A 103 -13.36 5.05 24.83
C LEU A 103 -13.22 4.79 23.34
N LEU A 104 -13.52 3.59 22.87
CA LEU A 104 -13.31 3.26 21.45
C LEU A 104 -14.03 4.24 20.48
N PRO A 105 -15.31 4.55 20.75
CA PRO A 105 -15.99 5.57 19.92
C PRO A 105 -15.38 6.97 19.94
N SER A 106 -14.71 7.36 21.03
CA SER A 106 -13.97 8.65 21.06
C SER A 106 -12.72 8.69 20.20
N PHE A 107 -12.31 7.59 19.61
CA PHE A 107 -11.01 7.49 18.91
C PHE A 107 -11.12 6.98 17.50
N SER A 108 -12.34 6.95 16.98
CA SER A 108 -12.59 6.39 15.67
C SER A 108 -12.13 7.40 14.67
N GLN A 109 -11.95 6.95 13.41
CA GLN A 109 -11.71 7.91 12.31
C GLN A 109 -12.79 9.02 12.34
N GLN A 110 -14.05 8.64 12.52
CA GLN A 110 -15.11 9.65 12.58
C GLN A 110 -14.91 10.67 13.67
N ALA A 111 -14.47 10.20 14.86
CA ALA A 111 -14.29 11.11 16.04
C ALA A 111 -13.25 12.24 15.85
N MET A 112 -12.36 12.05 14.90
CA MET A 112 -11.30 13.02 14.61
C MET A 112 -11.86 14.31 14.07
N LYS A 113 -13.06 14.26 13.47
CA LYS A 113 -13.66 15.49 12.98
C LYS A 113 -13.89 16.47 14.13
N GLY A 114 -14.29 15.95 15.29
CA GLY A 114 -14.49 16.80 16.47
C GLY A 114 -13.21 17.38 17.07
N TYR A 115 -12.08 16.66 16.96
CA TYR A 115 -10.78 17.12 17.46
C TYR A 115 -10.03 18.06 16.53
N HIS A 116 -10.43 18.05 15.25
CA HIS A 116 -9.65 18.73 14.21
C HIS A 116 -9.35 20.20 14.55
N ALA A 117 -10.38 20.95 14.92
CA ALA A 117 -10.21 22.39 15.19
C ALA A 117 -9.14 22.66 16.25
N MET A 118 -9.13 21.87 17.33
CA MET A 118 -8.14 22.03 18.39
CA MET A 118 -8.13 22.04 18.38
C MET A 118 -6.72 21.59 17.96
N MET A 119 -6.62 20.57 17.11
CA MET A 119 -5.33 20.21 16.54
C MET A 119 -4.79 21.35 15.71
N VAL A 120 -5.67 21.97 14.94
CA VAL A 120 -5.29 23.10 14.12
C VAL A 120 -4.80 24.31 14.95
N ASP A 121 -5.49 24.59 16.04
CA ASP A 121 -5.08 25.66 17.00
C ASP A 121 -3.59 25.51 17.36
N ILE A 122 -3.19 24.32 17.84
CA ILE A 122 -1.78 24.07 18.18
C ILE A 122 -0.81 24.08 16.96
N ALA A 123 -1.23 23.51 15.83
CA ALA A 123 -0.43 23.55 14.61
C ALA A 123 -0.12 24.96 14.13
N VAL A 124 -1.12 25.82 14.17
CA VAL A 124 -0.92 27.22 13.85
C VAL A 124 0.11 27.87 14.78
N GLN A 125 0.02 27.59 16.07
CA GLN A 125 1.01 28.10 17.01
C GLN A 125 2.46 27.69 16.63
N LEU A 126 2.62 26.45 16.21
CA LEU A 126 3.93 25.96 15.76
C LEU A 126 4.43 26.72 14.53
N VAL A 127 3.58 26.83 13.52
CA VAL A 127 3.90 27.52 12.29
C VAL A 127 4.22 28.99 12.57
N GLN A 128 3.42 29.65 13.38
CA GLN A 128 3.75 31.03 13.78
CA GLN A 128 3.74 31.03 13.77
C GLN A 128 5.10 31.14 14.50
N LYS A 129 5.40 30.21 15.38
CA LYS A 129 6.70 30.25 16.07
C LYS A 129 7.84 30.29 15.05
N TRP A 130 7.77 29.38 14.08
CA TRP A 130 8.83 29.27 13.05
C TRP A 130 8.86 30.45 12.08
N GLU A 131 7.69 30.98 11.74
CA GLU A 131 7.64 32.21 10.93
C GLU A 131 8.31 33.37 11.63
N ARG A 132 8.34 33.32 12.95
CA ARG A 132 8.84 34.44 13.75
C ARG A 132 10.31 34.36 14.14
N LEU A 133 10.99 33.29 13.72
CA LEU A 133 12.45 33.22 13.96
C LEU A 133 13.19 34.27 13.12
N ASN A 134 14.32 34.75 13.63
CA ASN A 134 15.21 35.63 12.87
C ASN A 134 16.16 34.78 11.95
N ALA A 135 16.81 35.47 11.02
CA ALA A 135 17.78 34.88 10.08
C ALA A 135 18.84 33.99 10.75
N ASP A 136 19.42 34.52 11.82
CA ASP A 136 20.45 33.80 12.59
C ASP A 136 20.04 32.42 13.24
N GLU A 137 18.76 32.04 13.26
CA GLU A 137 18.27 31.06 14.24
C GLU A 137 17.96 29.71 13.60
N HIS A 138 17.82 28.70 14.45
CA HIS A 138 17.47 27.35 13.98
C HIS A 138 16.35 26.79 14.84
N ILE A 139 15.86 25.64 14.41
CA ILE A 139 14.79 24.89 15.05
C ILE A 139 15.37 23.61 15.70
N GLU A 140 14.99 23.35 16.93
CA GLU A 140 15.25 22.10 17.62
C GLU A 140 14.01 21.21 17.38
N VAL A 141 14.15 20.24 16.48
CA VAL A 141 12.99 19.58 15.93
C VAL A 141 12.21 18.71 16.92
N PRO A 142 12.86 17.72 17.60
CA PRO A 142 12.09 16.93 18.57
C PRO A 142 11.51 17.74 19.75
N GLU A 143 12.24 18.74 20.19
CA GLU A 143 11.75 19.67 21.23
C GLU A 143 10.46 20.40 20.82
N ASP A 144 10.43 20.96 19.62
CA ASP A 144 9.21 21.63 19.12
C ASP A 144 8.09 20.65 18.78
N MET A 145 8.43 19.44 18.27
CA MET A 145 7.41 18.45 18.01
C MET A 145 6.73 17.99 19.32
N THR A 146 7.51 17.87 20.38
CA THR A 146 7.00 17.50 21.70
C THR A 146 6.13 18.62 22.33
N ARG A 147 6.56 19.88 22.18
CA ARG A 147 5.69 21.01 22.55
C ARG A 147 4.33 20.88 21.84
N LEU A 148 4.36 20.60 20.55
CA LEU A 148 3.15 20.42 19.81
C LEU A 148 2.26 19.24 20.26
N THR A 149 2.85 18.05 20.40
CA THR A 149 2.04 16.85 20.66
C THR A 149 1.47 16.87 22.05
N LEU A 150 2.26 17.33 23.01
CA LEU A 150 1.76 17.53 24.37
C LEU A 150 0.56 18.51 24.40
N ASP A 151 0.75 19.67 23.78
CA ASP A 151 -0.33 20.67 23.82
C ASP A 151 -1.59 20.16 23.11
N THR A 152 -1.42 19.44 22.03
CA THR A 152 -2.55 18.93 21.28
C THR A 152 -3.38 17.91 22.10
N ILE A 153 -2.68 16.97 22.77
CA ILE A 153 -3.34 15.96 23.65
C ILE A 153 -3.95 16.62 24.86
N GLY A 154 -3.31 17.66 25.40
CA GLY A 154 -3.95 18.43 26.48
C GLY A 154 -5.27 19.10 26.12
N LEU A 155 -5.29 19.72 24.94
CA LEU A 155 -6.45 20.48 24.48
C LEU A 155 -7.56 19.54 24.01
N CYS A 156 -7.21 18.57 23.16
CA CYS A 156 -8.20 17.56 22.73
C CYS A 156 -8.58 16.59 23.82
N GLY A 157 -7.67 16.32 24.75
CA GLY A 157 -7.89 15.35 25.79
C GLY A 157 -8.75 15.89 26.92
N PHE A 158 -8.36 17.04 27.48
CA PHE A 158 -9.09 17.62 28.56
C PHE A 158 -9.30 19.15 28.56
N ASN A 159 -9.37 19.74 27.37
CA ASN A 159 -9.57 21.17 27.20
C ASN A 159 -8.65 22.04 28.10
N TYR A 160 -7.40 21.58 28.23
CA TYR A 160 -6.41 22.23 29.08
C TYR A 160 -5.26 22.70 28.19
N ARG A 161 -4.80 23.93 28.40
CA ARG A 161 -3.68 24.52 27.64
C ARG A 161 -2.37 24.50 28.44
N PHE A 162 -1.45 23.59 28.09
CA PHE A 162 -0.11 23.58 28.68
C PHE A 162 0.74 24.82 28.25
N ASN A 163 0.39 25.42 27.11
CA ASN A 163 1.03 26.65 26.60
C ASN A 163 2.52 26.48 26.48
N SER A 164 2.93 25.35 25.87
CA SER A 164 4.31 24.97 25.77
C SER A 164 5.09 25.95 24.85
N PHE A 165 4.42 26.56 23.87
CA PHE A 165 5.06 27.56 23.01
C PHE A 165 5.26 28.95 23.68
N TYR A 166 4.77 29.13 24.90
CA TYR A 166 5.04 30.29 25.74
C TYR A 166 6.21 30.09 26.72
N ARG A 167 6.94 28.98 26.63
CA ARG A 167 7.96 28.64 27.66
C ARG A 167 9.24 27.94 27.21
N ASP A 168 10.25 28.07 28.08
CA ASP A 168 11.53 27.32 28.10
C ASP A 168 11.43 26.15 29.11
N GLN A 169 11.07 26.44 30.37
CA GLN A 169 10.76 25.37 31.37
C GLN A 169 9.29 24.92 31.22
N PRO A 170 9.04 23.61 30.98
CA PRO A 170 7.63 23.20 30.80
C PRO A 170 6.70 23.45 31.99
N HIS A 171 5.41 23.40 31.71
CA HIS A 171 4.36 23.32 32.74
C HIS A 171 4.85 22.35 33.83
N PRO A 172 4.68 22.71 35.14
CA PRO A 172 5.07 21.78 36.22
C PRO A 172 4.57 20.34 36.02
N PHE A 173 3.30 20.17 35.66
CA PHE A 173 2.78 18.84 35.23
C PHE A 173 3.70 18.07 34.28
N ILE A 174 4.12 18.71 33.19
CA ILE A 174 4.97 18.05 32.24
C ILE A 174 6.29 17.70 32.86
N THR A 175 6.86 18.63 33.66
CA THR A 175 8.14 18.39 34.34
C THR A 175 8.12 17.12 35.21
N SER A 176 7.11 17.04 36.05
CA SER A 176 6.89 15.89 36.90
C SER A 176 6.69 14.59 36.09
N MET A 177 5.92 14.65 35.01
CA MET A 177 5.62 13.46 34.18
C MET A 177 6.89 12.93 33.52
N VAL A 178 7.67 13.83 32.95
CA VAL A 178 8.91 13.50 32.29
C VAL A 178 9.90 12.92 33.31
N ARG A 179 9.90 13.49 34.52
CA ARG A 179 10.81 13.00 35.57
C ARG A 179 10.38 11.61 36.09
N ALA A 180 9.07 11.42 36.25
CA ALA A 180 8.50 10.10 36.62
C ALA A 180 8.86 9.02 35.61
N LEU A 181 8.65 9.31 34.32
CA LEU A 181 9.04 8.39 33.22
C LEU A 181 10.50 8.05 33.28
N ASP A 182 11.30 9.09 33.54
CA ASP A 182 12.74 8.94 33.62
C ASP A 182 13.16 8.01 34.78
N GLU A 183 12.56 8.24 35.96
CA GLU A 183 12.75 7.35 37.13
C GLU A 183 12.33 5.90 36.84
N ALA A 184 11.16 5.73 36.19
CA ALA A 184 10.67 4.39 35.81
C ALA A 184 11.69 3.67 34.95
N MET A 185 12.15 4.36 33.91
CA MET A 185 13.17 3.85 33.01
C MET A 185 14.45 3.51 33.78
N ASN A 186 14.93 4.43 34.63
CA ASN A 186 16.22 4.21 35.34
C ASN A 186 16.23 3.03 36.32
N LYS A 187 15.08 2.78 36.97
CA LYS A 187 14.89 1.58 37.82
C LYS A 187 15.19 0.26 37.09
N LEU A 188 14.98 0.23 35.77
CA LEU A 188 15.22 -0.98 34.95
C LEU A 188 16.63 -1.56 35.08
N GLN A 189 17.61 -0.71 35.38
CA GLN A 189 18.95 -1.19 35.69
C GLN A 189 19.47 -0.49 36.92
N ARG A 190 19.27 -1.14 38.07
CA ARG A 190 19.67 -0.58 39.33
C ARG A 190 20.16 -1.67 40.31
N ALA A 197 20.39 6.26 49.25
CA ALA A 197 21.02 6.79 48.01
C ALA A 197 20.00 7.00 46.91
N TYR A 198 19.15 5.99 46.71
CA TYR A 198 17.96 6.14 45.90
C TYR A 198 16.77 6.64 46.73
N ASP A 199 16.97 6.93 48.01
CA ASP A 199 15.90 7.51 48.85
C ASP A 199 15.39 8.85 48.32
N GLU A 200 16.31 9.66 47.78
CA GLU A 200 15.92 10.95 47.18
C GLU A 200 15.13 10.73 45.88
N ASN A 201 15.54 9.74 45.09
CA ASN A 201 14.77 9.34 43.89
C ASN A 201 13.37 8.95 44.23
N LYS A 202 13.23 8.22 45.32
CA LYS A 202 11.94 7.74 45.78
C LYS A 202 11.06 8.88 46.27
N ARG A 203 11.63 9.83 47.02
CA ARG A 203 10.89 11.00 47.51
C ARG A 203 10.43 11.88 46.33
N GLN A 204 11.30 12.05 45.34
CA GLN A 204 10.99 12.86 44.16
C GLN A 204 9.86 12.21 43.37
N PHE A 205 9.98 10.90 43.16
CA PHE A 205 8.99 10.10 42.43
C PHE A 205 7.61 10.33 43.04
N GLN A 206 7.49 10.27 44.38
CA GLN A 206 6.20 10.48 45.03
C GLN A 206 5.64 11.89 44.84
N GLU A 207 6.51 12.90 44.93
CA GLU A 207 6.11 14.30 44.69
C GLU A 207 5.56 14.52 43.25
N ASP A 208 6.25 13.97 42.26
CA ASP A 208 5.83 14.07 40.87
C ASP A 208 4.49 13.39 40.58
N ILE A 209 4.25 12.27 41.24
CA ILE A 209 2.96 11.59 41.15
C ILE A 209 1.87 12.50 41.71
N LYS A 210 2.15 13.16 42.84
CA LYS A 210 1.19 14.04 43.50
C LYS A 210 0.85 15.27 42.65
N VAL A 211 1.84 15.78 41.95
CA VAL A 211 1.65 16.89 41.03
C VAL A 211 0.68 16.49 39.91
N MET A 212 0.96 15.35 39.27
CA MET A 212 0.15 14.90 38.13
C MET A 212 -1.31 14.69 38.60
N ASN A 213 -1.48 13.95 39.70
CA ASN A 213 -2.81 13.64 40.22
C ASN A 213 -3.61 14.87 40.66
N ASP A 214 -2.96 15.81 41.35
CA ASP A 214 -3.63 17.01 41.89
C ASP A 214 -4.24 17.82 40.76
N LEU A 215 -3.43 18.10 39.73
CA LEU A 215 -3.92 18.84 38.58
C LEU A 215 -5.15 18.14 37.98
N VAL A 216 -4.97 16.89 37.59
CA VAL A 216 -5.94 16.13 36.79
C VAL A 216 -7.26 15.99 37.58
N ASP A 217 -7.14 15.55 38.85
CA ASP A 217 -8.30 15.41 39.74
C ASP A 217 -9.07 16.72 39.89
N LYS A 218 -8.37 17.85 40.00
CA LYS A 218 -9.02 19.16 40.12
C LYS A 218 -9.86 19.44 38.87
N ILE A 219 -9.25 19.24 37.72
CA ILE A 219 -9.96 19.47 36.47
C ILE A 219 -11.22 18.63 36.43
N ILE A 220 -11.06 17.32 36.64
CA ILE A 220 -12.22 16.39 36.64
C ILE A 220 -13.35 16.90 37.55
N ALA A 221 -13.01 17.24 38.79
CA ALA A 221 -14.01 17.77 39.75
C ALA A 221 -14.61 19.15 39.32
N ASP A 222 -13.78 20.06 38.77
CA ASP A 222 -14.29 21.34 38.18
C ASP A 222 -15.34 21.07 37.12
N ARG A 223 -15.02 20.16 36.19
CA ARG A 223 -15.87 19.82 35.07
C ARG A 223 -17.16 19.15 35.53
N LYS A 224 -17.03 18.18 36.44
CA LYS A 224 -18.19 17.55 37.10
C LYS A 224 -19.14 18.54 37.78
N ALA A 225 -18.59 19.46 38.57
CA ALA A 225 -19.38 20.49 39.25
C ALA A 225 -19.98 21.53 38.27
N SER A 226 -19.25 21.86 37.20
CA SER A 226 -19.73 22.88 36.25
C SER A 226 -20.82 22.34 35.33
N GLY A 227 -20.73 21.06 34.95
CA GLY A 227 -21.64 20.45 33.99
C GLY A 227 -21.40 20.82 32.53
N GLU A 228 -20.31 21.54 32.24
CA GLU A 228 -20.07 22.07 30.90
C GLU A 228 -19.58 20.94 29.98
N GLN A 229 -19.92 21.06 28.70
CA GLN A 229 -19.64 20.05 27.68
C GLN A 229 -18.66 20.63 26.68
N SER A 230 -17.59 19.89 26.39
CA SER A 230 -16.62 20.27 25.36
C SER A 230 -16.50 19.15 24.32
N ASP A 231 -15.58 19.37 23.36
CA ASP A 231 -15.26 18.45 22.28
C ASP A 231 -14.08 17.54 22.64
N ASP A 232 -14.00 17.17 23.92
CA ASP A 232 -12.86 16.50 24.45
C ASP A 232 -13.16 15.09 25.02
N LEU A 233 -12.09 14.33 25.14
CA LEU A 233 -12.10 13.00 25.69
C LEU A 233 -12.61 12.95 27.11
N LEU A 234 -12.33 13.99 27.89
CA LEU A 234 -12.80 14.05 29.28
C LEU A 234 -14.33 14.04 29.38
N THR A 235 -14.97 14.80 28.51
CA THR A 235 -16.44 14.88 28.42
C THR A 235 -17.00 13.49 28.07
N HIS A 236 -16.40 12.83 27.07
CA HIS A 236 -16.89 11.51 26.66
C HIS A 236 -16.76 10.52 27.83
N MET A 237 -15.66 10.62 28.59
CA MET A 237 -15.41 9.77 29.75
C MET A 237 -16.41 10.02 30.86
N LEU A 238 -16.74 11.29 31.14
CA LEU A 238 -17.75 11.57 32.19
C LEU A 238 -19.17 11.15 31.77
N ASN A 239 -19.51 11.25 30.49
CA ASN A 239 -20.84 10.85 29.97
C ASN A 239 -20.96 9.34 29.65
N GLY A 240 -19.82 8.66 29.47
CA GLY A 240 -19.81 7.32 28.94
C GLY A 240 -20.21 6.24 29.92
N LYS A 241 -20.94 5.26 29.43
CA LYS A 241 -21.32 4.07 30.17
C LYS A 241 -20.87 2.89 29.35
N ASP A 242 -20.26 1.92 30.00
CA ASP A 242 -19.92 0.65 29.38
C ASP A 242 -21.22 -0.14 29.16
N PRO A 243 -21.50 -0.53 27.93
CA PRO A 243 -22.73 -1.34 27.71
C PRO A 243 -22.79 -2.68 28.47
N GLU A 244 -21.63 -3.28 28.72
CA GLU A 244 -21.54 -4.59 29.28
C GLU A 244 -21.89 -4.54 30.80
N THR A 245 -21.08 -3.83 31.56
CA THR A 245 -21.34 -3.66 33.01
C THR A 245 -22.41 -2.60 33.25
N GLY A 246 -22.66 -1.72 32.27
CA GLY A 246 -23.57 -0.59 32.49
C GLY A 246 -22.97 0.54 33.34
N GLU A 247 -21.71 0.43 33.69
CA GLU A 247 -21.06 1.36 34.62
C GLU A 247 -20.27 2.44 33.87
N PRO A 248 -20.18 3.65 34.45
CA PRO A 248 -19.17 4.61 33.93
C PRO A 248 -17.79 4.35 34.54
N LEU A 249 -16.77 5.01 34.03
CA LEU A 249 -15.45 4.93 34.67
C LEU A 249 -15.49 5.67 35.98
N ASP A 250 -14.87 5.15 37.03
CA ASP A 250 -14.84 5.93 38.24
C ASP A 250 -13.82 7.08 38.07
N ASP A 251 -13.95 8.09 38.92
CA ASP A 251 -13.14 9.29 38.83
C ASP A 251 -11.61 9.00 38.85
N GLU A 252 -11.18 8.06 39.70
CA GLU A 252 -9.79 7.68 39.74
C GLU A 252 -9.27 7.10 38.40
N ASN A 253 -9.99 6.11 37.89
CA ASN A 253 -9.60 5.53 36.60
C ASN A 253 -9.60 6.58 35.50
N ILE A 254 -10.58 7.50 35.52
CA ILE A 254 -10.57 8.60 34.57
C ILE A 254 -9.23 9.35 34.63
N ARG A 255 -8.71 9.53 35.83
CA ARG A 255 -7.47 10.26 35.97
C ARG A 255 -6.30 9.41 35.46
N TYR A 256 -6.28 8.10 35.73
CA TYR A 256 -5.28 7.25 35.08
C TYR A 256 -5.34 7.30 33.58
N GLN A 257 -6.54 7.37 32.99
CA GLN A 257 -6.66 7.52 31.54
C GLN A 257 -6.06 8.82 31.02
N ILE A 258 -6.33 9.93 31.69
CA ILE A 258 -5.81 11.24 31.28
C ILE A 258 -4.27 11.20 31.32
N ILE A 259 -3.71 10.72 32.41
CA ILE A 259 -2.23 10.53 32.49
C ILE A 259 -1.72 9.61 31.37
N THR A 260 -2.44 8.54 31.15
CA THR A 260 -2.16 7.58 30.07
C THR A 260 -2.14 8.25 28.68
N PHE A 261 -3.16 9.01 28.32
CA PHE A 261 -3.17 9.68 26.99
C PHE A 261 -1.97 10.58 26.70
N LEU A 262 -1.59 11.36 27.71
CA LEU A 262 -0.31 12.17 27.66
C LEU A 262 0.95 11.30 27.52
N ILE A 263 1.12 10.33 28.40
CA ILE A 263 2.31 9.47 28.35
C ILE A 263 2.37 8.67 27.04
N ALA A 264 1.25 8.09 26.61
CA ALA A 264 1.22 7.13 25.51
C ALA A 264 1.30 7.75 24.11
N GLY A 265 0.69 8.90 23.98
CA GLY A 265 0.62 9.56 22.70
C GLY A 265 1.68 10.60 22.35
N HIS A 266 2.07 11.41 23.34
CA HIS A 266 2.86 12.63 23.07
C HIS A 266 4.22 12.27 22.52
N GLU A 267 4.89 11.30 23.15
CA GLU A 267 6.28 11.03 22.85
C GLU A 267 6.41 10.28 21.54
N THR A 268 5.56 9.27 21.33
CA THR A 268 5.57 8.48 20.12
C THR A 268 5.27 9.34 18.89
N THR A 269 4.30 10.25 19.00
CA THR A 269 3.87 11.06 17.87
C THR A 269 4.92 12.12 17.53
N SER A 270 5.51 12.66 18.58
CA SER A 270 6.62 13.60 18.45
C SER A 270 7.83 12.97 17.75
N GLY A 271 8.19 11.78 18.19
CA GLY A 271 9.24 11.02 17.52
C GLY A 271 8.93 10.78 16.02
N LEU A 272 7.70 10.42 15.70
CA LEU A 272 7.30 10.14 14.31
C LEU A 272 7.51 11.41 13.44
N LEU A 273 7.01 12.55 13.92
CA LEU A 273 7.19 13.79 13.17
C LEU A 273 8.67 14.11 12.93
N SER A 274 9.49 13.89 13.96
CA SER A 274 10.90 14.17 13.91
C SER A 274 11.62 13.28 12.94
N PHE A 275 11.37 11.97 13.03
CA PHE A 275 11.97 11.04 12.06
C PHE A 275 11.52 11.36 10.63
N ALA A 276 10.25 11.68 10.47
CA ALA A 276 9.72 11.94 9.09
C ALA A 276 10.46 13.12 8.46
N LEU A 277 10.63 14.19 9.26
CA LEU A 277 11.34 15.38 8.80
C LEU A 277 12.81 15.08 8.53
N TYR A 278 13.43 14.27 9.38
CA TYR A 278 14.80 13.82 9.14
C TYR A 278 14.88 13.10 7.80
N PHE A 279 13.99 12.13 7.56
CA PHE A 279 14.11 11.34 6.32
C PHE A 279 13.79 12.18 5.09
N LEU A 280 12.85 13.10 5.19
CA LEU A 280 12.56 13.98 4.08
C LEU A 280 13.81 14.76 3.71
N GLY A 281 14.54 15.25 4.73
CA GLY A 281 15.80 15.99 4.49
C GLY A 281 16.90 15.18 3.81
N LYS A 282 16.95 13.86 4.05
CA LYS A 282 17.90 12.99 3.40
C LYS A 282 17.45 12.43 2.03
N ASN A 283 16.22 12.70 1.60
CA ASN A 283 15.68 12.08 0.36
C ASN A 283 14.92 13.15 -0.44
N PRO A 284 15.64 14.03 -1.14
CA PRO A 284 15.01 15.15 -1.86
C PRO A 284 13.96 14.75 -2.89
N HIS A 285 14.11 13.56 -3.50
CA HIS A 285 13.05 13.11 -4.46
C HIS A 285 11.70 12.92 -3.70
N VAL A 286 11.79 12.34 -2.51
CA VAL A 286 10.60 12.12 -1.64
C VAL A 286 10.03 13.44 -1.14
N LEU A 287 10.92 14.31 -0.67
CA LEU A 287 10.49 15.64 -0.27
C LEU A 287 9.71 16.37 -1.36
N GLN A 288 10.22 16.33 -2.61
CA GLN A 288 9.54 17.05 -3.71
C GLN A 288 8.07 16.57 -3.89
N LYS A 289 7.88 15.25 -3.86
CA LYS A 289 6.50 14.69 -4.01
C LYS A 289 5.63 15.08 -2.81
N ALA A 290 6.18 15.01 -1.59
CA ALA A 290 5.41 15.38 -0.38
C ALA A 290 5.00 16.83 -0.38
N ALA A 291 5.93 17.70 -0.69
CA ALA A 291 5.68 19.15 -0.70
C ALA A 291 4.72 19.55 -1.80
N GLU A 292 4.85 18.92 -2.98
CA GLU A 292 3.89 19.16 -4.06
C GLU A 292 2.46 18.85 -3.63
N GLU A 293 2.29 17.72 -2.96
CA GLU A 293 0.95 17.34 -2.52
C GLU A 293 0.39 18.33 -1.50
N ALA A 294 1.21 18.69 -0.51
CA ALA A 294 0.82 19.65 0.49
C ALA A 294 0.40 20.98 -0.12
N ALA A 295 1.17 21.51 -1.06
CA ALA A 295 0.80 22.74 -1.76
C ALA A 295 -0.48 22.64 -2.55
N ARG A 296 -0.69 21.51 -3.23
CA ARG A 296 -1.85 21.36 -4.10
C ARG A 296 -3.11 21.17 -3.25
N VAL A 297 -3.03 20.42 -2.18
CA VAL A 297 -4.23 20.02 -1.40
C VAL A 297 -4.62 21.08 -0.36
N LEU A 298 -3.63 21.64 0.34
CA LEU A 298 -3.91 22.61 1.40
C LEU A 298 -4.09 24.01 0.88
N VAL A 299 -5.19 24.22 0.17
CA VAL A 299 -5.46 25.48 -0.54
C VAL A 299 -6.03 26.63 0.32
N ASP A 300 -6.44 26.36 1.56
CA ASP A 300 -7.04 27.39 2.44
C ASP A 300 -6.04 27.80 3.49
N PRO A 301 -6.24 28.97 4.14
CA PRO A 301 -5.28 29.39 5.15
C PRO A 301 -5.14 28.46 6.35
N VAL A 302 -6.20 27.76 6.72
CA VAL A 302 -6.04 26.63 7.61
C VAL A 302 -6.66 25.35 7.01
N PRO A 303 -6.06 24.19 7.35
CA PRO A 303 -6.54 22.96 6.74
C PRO A 303 -7.89 22.50 7.29
N SER A 304 -8.74 21.95 6.42
CA SER A 304 -9.95 21.26 6.84
C SER A 304 -9.68 19.78 7.11
N TYR A 305 -10.59 19.14 7.84
CA TYR A 305 -10.54 17.69 8.01
C TYR A 305 -10.45 16.97 6.68
N LYS A 306 -11.33 17.33 5.75
CA LYS A 306 -11.38 16.65 4.44
C LYS A 306 -10.07 16.79 3.67
N GLN A 307 -9.45 17.97 3.76
CA GLN A 307 -8.12 18.18 3.13
C GLN A 307 -7.02 17.29 3.72
N VAL A 308 -6.98 17.14 5.05
CA VAL A 308 -6.00 16.24 5.67
C VAL A 308 -6.14 14.81 5.13
N LYS A 309 -7.37 14.36 4.94
CA LYS A 309 -7.62 12.99 4.44
C LYS A 309 -7.11 12.83 3.01
N GLN A 310 -7.02 13.90 2.24
CA GLN A 310 -6.50 13.83 0.88
C GLN A 310 -4.96 13.85 0.81
N LEU A 311 -4.26 14.01 1.93
CA LEU A 311 -2.76 14.00 1.94
C LEU A 311 -2.20 12.55 1.93
N LYS A 312 -2.42 11.86 0.82
CA LYS A 312 -2.13 10.44 0.73
C LYS A 312 -0.62 10.17 0.78
N TYR A 313 0.13 10.91 0.00
CA TYR A 313 1.62 10.72 0.00
C TYR A 313 2.28 11.11 1.33
N VAL A 314 1.81 12.18 1.94
CA VAL A 314 2.22 12.51 3.28
C VAL A 314 1.98 11.32 4.25
N GLY A 315 0.82 10.67 4.16
CA GLY A 315 0.53 9.49 5.03
C GLY A 315 1.49 8.35 4.74
N MET A 316 1.85 8.16 3.46
CA MET A 316 2.83 7.15 3.07
C MET A 316 4.23 7.47 3.64
N VAL A 317 4.63 8.73 3.60
CA VAL A 317 5.86 9.17 4.25
C VAL A 317 5.89 8.79 5.75
N LEU A 318 4.78 9.05 6.42
CA LEU A 318 4.66 8.74 7.85
C LEU A 318 4.72 7.23 8.08
N ASN A 319 4.05 6.43 7.25
CA ASN A 319 4.11 4.96 7.40
C ASN A 319 5.51 4.44 7.17
N GLU A 320 6.24 5.01 6.20
CA GLU A 320 7.60 4.56 5.96
C GLU A 320 8.55 4.95 7.09
N ALA A 321 8.33 6.10 7.73
CA ALA A 321 9.10 6.48 8.91
C ALA A 321 8.84 5.52 10.08
N LEU A 322 7.58 5.15 10.30
CA LEU A 322 7.21 4.11 11.27
C LEU A 322 7.74 2.73 10.90
N ARG A 323 7.96 2.46 9.62
CA ARG A 323 8.54 1.19 9.22
C ARG A 323 9.97 1.12 9.73
N LEU A 324 10.76 2.13 9.42
CA LEU A 324 12.17 2.13 9.79
C LEU A 324 12.35 2.30 11.29
N TRP A 325 11.63 3.25 11.88
CA TRP A 325 11.83 3.60 13.27
C TRP A 325 10.49 3.71 14.00
N PRO A 326 9.86 2.55 14.23
CA PRO A 326 8.60 2.54 15.00
C PRO A 326 8.91 3.07 16.40
N THR A 327 8.21 4.13 16.78
CA THR A 327 8.61 4.91 17.92
C THR A 327 8.26 4.28 19.27
N ALA A 328 7.37 3.29 19.28
CA ALA A 328 7.17 2.41 20.45
C ALA A 328 7.66 1.01 19.92
N PRO A 329 8.96 0.71 20.11
CA PRO A 329 9.61 -0.30 19.26
C PRO A 329 9.37 -1.75 19.66
N ALA A 330 8.70 -2.02 20.79
CA ALA A 330 8.52 -3.38 21.26
C ALA A 330 7.19 -3.51 21.91
N PHE A 331 6.61 -4.71 21.83
CA PHE A 331 5.51 -5.09 22.72
C PHE A 331 5.68 -6.54 23.14
N SER A 332 5.13 -6.84 24.32
CA SER A 332 5.35 -8.11 24.99
C SER A 332 4.03 -8.90 25.04
N LEU A 333 4.17 -10.24 25.00
CA LEU A 333 3.07 -11.20 25.02
C LEU A 333 3.40 -12.36 25.95
N TYR A 334 2.37 -13.04 26.44
CA TYR A 334 2.54 -14.33 27.15
C TYR A 334 1.69 -15.44 26.50
N ALA A 335 2.20 -16.68 26.56
CA ALA A 335 1.44 -17.84 26.09
C ALA A 335 0.23 -18.13 26.98
N LYS A 336 -0.96 -18.14 26.40
CA LYS A 336 -2.21 -18.44 27.18
C LYS A 336 -2.25 -19.89 27.68
N GLU A 337 -1.73 -20.79 26.85
CA GLU A 337 -1.62 -22.23 27.16
C GLU A 337 -0.32 -22.76 26.54
N ASP A 338 0.06 -23.98 26.91
CA ASP A 338 1.15 -24.70 26.24
C ASP A 338 0.92 -24.68 24.73
N THR A 339 1.96 -24.40 23.94
CA THR A 339 1.78 -24.27 22.50
C THR A 339 3.15 -24.35 21.86
N VAL A 340 3.16 -24.57 20.56
CA VAL A 340 4.40 -24.69 19.81
C VAL A 340 4.43 -23.57 18.81
N LEU A 341 5.53 -22.82 18.81
CA LEU A 341 5.70 -21.70 17.96
C LEU A 341 6.51 -22.15 16.74
N GLY A 342 5.98 -21.85 15.56
CA GLY A 342 6.66 -22.07 14.30
C GLY A 342 6.92 -23.53 13.94
N GLY A 343 6.22 -24.45 14.60
CA GLY A 343 6.47 -25.87 14.49
C GLY A 343 7.77 -26.35 15.11
N GLU A 344 8.49 -25.47 15.79
CA GLU A 344 9.87 -25.76 16.22
C GLU A 344 10.19 -25.44 17.68
N TYR A 345 9.46 -24.52 18.31
CA TYR A 345 9.81 -23.96 19.59
C TYR A 345 8.64 -24.17 20.59
N PRO A 346 8.71 -25.23 21.42
CA PRO A 346 7.62 -25.44 22.37
C PRO A 346 7.68 -24.42 23.51
N LEU A 347 6.50 -23.91 23.87
CA LEU A 347 6.36 -22.91 24.91
C LEU A 347 5.39 -23.48 25.93
N GLU A 348 5.63 -23.16 27.20
CA GLU A 348 4.71 -23.44 28.29
C GLU A 348 3.82 -22.22 28.61
N LYS A 349 2.62 -22.51 29.09
CA LYS A 349 1.71 -21.50 29.61
C LYS A 349 2.49 -20.48 30.46
N GLY A 350 2.24 -19.20 30.18
CA GLY A 350 2.91 -18.13 30.92
C GLY A 350 4.24 -17.63 30.32
N ASP A 351 4.83 -18.37 29.37
CA ASP A 351 6.11 -17.96 28.77
C ASP A 351 5.95 -16.65 28.01
N GLU A 352 6.98 -15.82 28.14
CA GLU A 352 7.00 -14.47 27.55
C GLU A 352 7.69 -14.41 26.19
N LEU A 353 7.11 -13.59 25.31
CA LEU A 353 7.66 -13.26 24.01
C LEU A 353 7.77 -11.73 23.94
N SER A 354 8.76 -11.23 23.23
CA SER A 354 8.82 -9.80 22.95
C SER A 354 9.02 -9.60 21.44
N VAL A 355 8.20 -8.74 20.82
CA VAL A 355 8.21 -8.47 19.40
C VAL A 355 9.10 -7.27 19.17
N LEU A 356 10.18 -7.48 18.40
CA LEU A 356 11.12 -6.43 18.05
C LEU A 356 10.65 -5.78 16.76
N ILE A 357 9.88 -4.72 16.87
CA ILE A 357 9.15 -4.17 15.70
C ILE A 357 10.11 -3.63 14.60
N PRO A 358 11.22 -2.96 14.98
CA PRO A 358 12.11 -2.52 13.90
C PRO A 358 12.67 -3.68 13.08
N GLN A 359 12.85 -4.86 13.71
CA GLN A 359 13.41 -6.01 12.99
C GLN A 359 12.35 -6.63 12.13
N LEU A 360 11.14 -6.75 12.64
CA LEU A 360 10.01 -7.19 11.83
C LEU A 360 9.92 -6.38 10.54
N HIS A 361 10.05 -5.07 10.68
CA HIS A 361 9.99 -4.14 9.57
C HIS A 361 11.16 -4.17 8.58
N ARG A 362 12.17 -4.99 8.91
CA ARG A 362 13.33 -5.20 8.07
C ARG A 362 13.41 -6.67 7.56
N ASP A 363 12.31 -7.44 7.71
CA ASP A 363 12.25 -8.84 7.22
C ASP A 363 12.33 -8.81 5.69
N LYS A 364 13.48 -9.21 5.16
CA LYS A 364 13.70 -9.14 3.72
C LYS A 364 12.75 -10.06 2.92
N THR A 365 12.21 -11.11 3.54
CA THR A 365 11.30 -12.02 2.85
C THR A 365 9.97 -11.33 2.59
N ILE A 366 9.72 -10.24 3.31
CA ILE A 366 8.50 -9.44 3.15
C ILE A 366 8.76 -8.22 2.28
N TRP A 367 9.82 -7.46 2.61
CA TRP A 367 10.01 -6.09 2.07
C TRP A 367 11.00 -6.02 0.91
N GLY A 368 11.76 -7.08 0.70
CA GLY A 368 12.79 -7.16 -0.35
C GLY A 368 14.17 -6.75 0.15
N ASP A 369 15.11 -6.62 -0.77
CA ASP A 369 16.53 -6.44 -0.42
C ASP A 369 16.93 -5.02 -0.01
N ASP A 370 16.08 -4.04 -0.27
CA ASP A 370 16.40 -2.61 -0.06
C ASP A 370 15.82 -2.07 1.28
N VAL A 371 15.80 -2.92 2.32
CA VAL A 371 15.01 -2.63 3.56
C VAL A 371 15.45 -1.38 4.33
N GLU A 372 16.70 -0.98 4.19
CA GLU A 372 17.19 0.24 4.83
C GLU A 372 16.87 1.56 4.09
N GLU A 373 16.47 1.49 2.84
CA GLU A 373 16.10 2.67 2.05
C GLU A 373 14.76 3.28 2.50
N PHE A 374 14.69 4.61 2.45
CA PHE A 374 13.47 5.34 2.72
C PHE A 374 12.67 5.51 1.43
N ARG A 375 11.62 4.71 1.28
CA ARG A 375 10.81 4.69 0.08
C ARG A 375 9.32 4.60 0.43
N PRO A 376 8.67 5.76 0.56
CA PRO A 376 7.22 5.75 0.86
C PRO A 376 6.33 4.96 -0.13
N GLU A 377 6.78 4.84 -1.37
CA GLU A 377 6.11 4.14 -2.46
C GLU A 377 5.79 2.66 -2.12
N ARG A 378 6.50 2.08 -1.16
CA ARG A 378 6.16 0.74 -0.61
C ARG A 378 4.72 0.70 -0.13
N PHE A 379 4.20 1.85 0.34
CA PHE A 379 2.82 1.95 0.89
C PHE A 379 1.81 2.53 -0.10
N GLU A 380 2.16 2.54 -1.38
CA GLU A 380 1.26 3.16 -2.38
C GLU A 380 -0.03 2.36 -2.49
N ASN A 381 0.10 1.05 -2.40
CA ASN A 381 -1.05 0.11 -2.45
C ASN A 381 -1.15 -0.62 -1.13
N PRO A 382 -2.00 -0.13 -0.22
CA PRO A 382 -2.14 -0.76 1.12
C PRO A 382 -2.42 -2.28 1.08
N SER A 383 -3.08 -2.76 0.02
CA SER A 383 -3.37 -4.21 -0.14
C SER A 383 -2.16 -5.09 -0.35
N ALA A 384 -1.06 -4.50 -0.83
CA ALA A 384 0.16 -5.27 -1.07
C ALA A 384 0.91 -5.65 0.21
N ILE A 385 0.53 -5.09 1.37
CA ILE A 385 1.25 -5.41 2.61
C ILE A 385 0.62 -6.63 3.24
N PRO A 386 1.42 -7.69 3.52
CA PRO A 386 0.79 -8.87 4.12
C PRO A 386 0.35 -8.60 5.55
N GLN A 387 -0.59 -9.39 6.03
CA GLN A 387 -1.12 -9.22 7.38
C GLN A 387 0.01 -9.53 8.40
N HIS A 388 0.05 -8.71 9.43
CA HIS A 388 1.08 -8.78 10.48
C HIS A 388 2.52 -8.46 10.08
N ALA A 389 2.74 -7.91 8.89
CA ALA A 389 4.09 -7.46 8.47
C ALA A 389 4.47 -6.07 9.00
N PHE A 390 3.46 -5.22 9.22
CA PHE A 390 3.65 -3.84 9.62
C PHE A 390 2.84 -3.55 10.89
N LYS A 391 3.51 -3.48 12.04
CA LYS A 391 2.84 -3.42 13.34
C LYS A 391 3.31 -2.28 14.22
N PRO A 392 3.47 -1.04 13.66
CA PRO A 392 3.87 0.07 14.54
C PRO A 392 2.89 0.42 15.67
N PHE A 393 1.64 -0.02 15.50
CA PHE A 393 0.57 0.23 16.51
C PHE A 393 0.14 -1.02 17.30
N GLY A 394 1.01 -2.03 17.36
CA GLY A 394 0.71 -3.23 18.13
C GLY A 394 -0.31 -4.11 17.46
N ASN A 395 -1.03 -4.87 18.28
CA ASN A 395 -1.86 -5.98 17.80
C ASN A 395 -3.20 -6.14 18.46
N GLY A 396 -4.19 -6.38 17.60
CA GLY A 396 -5.49 -6.96 18.01
C GLY A 396 -6.23 -6.04 18.93
N GLN A 397 -6.97 -6.61 19.87
CA GLN A 397 -7.74 -5.77 20.80
C GLN A 397 -6.85 -4.88 21.69
N ARG A 398 -5.57 -5.24 21.88
CA ARG A 398 -4.64 -4.41 22.61
C ARG A 398 -3.75 -3.53 21.69
N ALA A 399 -4.18 -3.30 20.44
CA ALA A 399 -3.50 -2.34 19.56
C ALA A 399 -3.71 -0.88 20.07
N CYS A 400 -2.94 0.04 19.51
CA CYS A 400 -3.04 1.46 19.85
C CYS A 400 -4.43 2.01 19.63
N ILE A 401 -5.09 2.42 20.71
CA ILE A 401 -6.42 3.04 20.58
C ILE A 401 -6.30 4.45 19.92
N GLY A 402 -5.12 5.05 20.06
CA GLY A 402 -4.83 6.38 19.51
C GLY A 402 -4.29 6.44 18.07
N GLN A 403 -4.36 5.33 17.32
CA GLN A 403 -3.75 5.29 16.01
C GLN A 403 -4.27 6.39 15.08
N GLN A 404 -5.59 6.52 15.01
CA GLN A 404 -6.21 7.45 14.08
CA GLN A 404 -6.21 7.46 14.10
C GLN A 404 -5.90 8.91 14.53
N PHE A 405 -5.87 9.15 15.83
CA PHE A 405 -5.48 10.42 16.40
C PHE A 405 -4.06 10.80 16.03
N ALA A 406 -3.14 9.87 16.27
CA ALA A 406 -1.74 10.10 16.00
C ALA A 406 -1.49 10.44 14.52
N LEU A 407 -2.11 9.65 13.64
CA LEU A 407 -1.88 9.82 12.21
C LEU A 407 -2.56 11.07 11.64
N HIS A 408 -3.74 11.42 12.16
CA HIS A 408 -4.40 12.66 11.74
C HIS A 408 -3.58 13.88 12.12
N GLU A 409 -3.17 13.91 13.38
CA GLU A 409 -2.27 14.95 13.89
C GLU A 409 -0.96 15.06 13.09
N ALA A 410 -0.28 13.93 12.89
CA ALA A 410 1.00 13.97 12.20
C ALA A 410 0.85 14.36 10.71
N THR A 411 -0.25 13.89 10.07
CA THR A 411 -0.49 14.21 8.69
C THR A 411 -0.79 15.72 8.55
N LEU A 412 -1.68 16.22 9.40
CA LEU A 412 -1.99 17.66 9.43
C LEU A 412 -0.73 18.49 9.57
N VAL A 413 0.08 18.15 10.57
CA VAL A 413 1.21 19.00 10.95
C VAL A 413 2.32 18.90 9.92
N LEU A 414 2.65 17.68 9.47
CA LEU A 414 3.67 17.53 8.41
C LEU A 414 3.20 18.24 7.10
N GLY A 415 1.92 18.10 6.77
CA GLY A 415 1.36 18.84 5.63
C GLY A 415 1.56 20.36 5.76
N MET A 416 1.24 20.92 6.92
CA MET A 416 1.41 22.36 7.12
C MET A 416 2.91 22.80 7.10
N MET A 417 3.80 22.00 7.70
CA MET A 417 5.23 22.31 7.70
C MET A 417 5.78 22.40 6.27
N LEU A 418 5.45 21.41 5.42
CA LEU A 418 5.88 21.36 4.02
C LEU A 418 5.25 22.47 3.19
N LYS A 419 4.00 22.83 3.49
CA LYS A 419 3.35 23.92 2.84
C LYS A 419 4.05 25.25 3.07
N HIS A 420 4.49 25.47 4.31
CA HIS A 420 4.95 26.81 4.74
C HIS A 420 6.45 27.06 4.69
N PHE A 421 7.27 26.00 4.63
CA PHE A 421 8.72 26.14 4.72
C PHE A 421 9.49 25.16 3.83
N ASP A 422 10.68 25.58 3.36
CA ASP A 422 11.78 24.69 3.02
C ASP A 422 12.70 24.55 4.21
N PHE A 423 13.22 23.35 4.41
CA PHE A 423 14.09 23.05 5.55
C PHE A 423 15.50 22.75 5.11
N GLU A 424 16.47 23.30 5.83
CA GLU A 424 17.88 23.11 5.53
C GLU A 424 18.57 22.35 6.66
N ASP A 425 19.33 21.32 6.27
CA ASP A 425 20.22 20.55 7.19
C ASP A 425 21.54 21.29 7.37
N HIS A 426 21.47 22.41 8.07
CA HIS A 426 22.61 23.30 8.24
C HIS A 426 23.81 22.73 9.00
N THR A 427 23.63 21.68 9.81
CA THR A 427 24.77 21.06 10.51
C THR A 427 25.29 19.74 9.92
N ASN A 428 24.72 19.25 8.83
CA ASN A 428 24.95 17.88 8.34
C ASN A 428 24.71 16.85 9.43
N TYR A 429 23.49 16.87 9.97
CA TYR A 429 23.16 16.16 11.18
C TYR A 429 23.36 14.64 11.00
N GLU A 430 24.08 14.04 11.92
CA GLU A 430 24.24 12.56 11.95
C GLU A 430 23.19 11.92 12.86
N LEU A 431 22.39 11.01 12.32
CA LEU A 431 21.29 10.43 13.09
C LEU A 431 21.80 9.81 14.37
N ASP A 432 21.18 10.18 15.50
CA ASP A 432 21.54 9.66 16.82
C ASP A 432 20.21 9.40 17.50
N ILE A 433 19.89 8.13 17.73
CA ILE A 433 18.58 7.73 18.17
C ILE A 433 18.60 7.49 19.66
N LYS A 434 17.96 8.42 20.38
CA LYS A 434 17.86 8.35 21.82
C LYS A 434 16.73 7.42 22.21
N GLU A 435 16.97 6.62 23.27
CA GLU A 435 15.99 5.68 23.77
C GLU A 435 15.51 6.05 25.17
N THR A 436 14.20 6.23 25.31
CA THR A 436 13.56 6.38 26.61
C THR A 436 12.72 5.11 26.69
N LEU A 437 11.42 5.21 26.91
CA LEU A 437 10.60 4.05 26.53
C LEU A 437 10.23 4.14 25.04
N THR A 438 10.58 5.22 24.38
CA THR A 438 10.31 5.38 22.95
C THR A 438 11.60 5.80 22.28
N LEU A 439 11.54 5.95 20.95
CA LEU A 439 12.68 6.32 20.13
C LEU A 439 12.48 7.73 19.53
N LYS A 440 13.55 8.53 19.52
CA LYS A 440 13.55 9.82 18.81
C LYS A 440 14.95 10.23 18.38
N PRO A 441 15.07 11.04 17.32
CA PRO A 441 16.39 11.50 16.90
C PRO A 441 16.93 12.66 17.74
N GLU A 442 17.86 12.37 18.64
CA GLU A 442 18.44 13.40 19.52
C GLU A 442 19.28 14.43 18.75
N GLY A 443 19.09 15.71 19.07
CA GLY A 443 19.88 16.78 18.51
C GLY A 443 19.60 17.12 17.04
N PHE A 444 18.52 16.61 16.48
CA PHE A 444 18.14 16.96 15.14
C PHE A 444 17.71 18.45 15.12
N VAL A 445 18.42 19.21 14.30
CA VAL A 445 18.18 20.61 14.12
C VAL A 445 18.18 20.95 12.63
N VAL A 446 17.35 21.94 12.27
CA VAL A 446 17.26 22.43 10.91
C VAL A 446 17.10 23.96 10.92
N LYS A 447 17.29 24.57 9.75
CA LYS A 447 16.91 25.95 9.51
C LYS A 447 15.76 25.94 8.55
N ALA A 448 14.81 26.82 8.76
CA ALA A 448 13.65 26.95 7.86
C ALA A 448 13.79 28.21 7.03
N LYS A 449 13.33 28.12 5.81
CA LYS A 449 13.16 29.26 4.94
C LYS A 449 11.68 29.38 4.62
N SER A 450 11.03 30.42 5.12
CA SER A 450 9.59 30.60 4.92
C SER A 450 9.24 30.70 3.45
N LYS A 451 8.17 30.03 3.03
CA LYS A 451 7.60 30.26 1.72
C LYS A 451 6.67 31.47 1.70
N LYS A 452 6.47 32.10 2.87
CA LYS A 452 5.70 33.32 2.98
C LYS A 452 4.25 33.14 2.53
N ILE A 453 3.61 32.07 3.00
CA ILE A 453 2.21 31.82 2.69
C ILE A 453 1.39 32.12 3.95
N PRO A 454 0.42 33.06 3.84
CA PRO A 454 -0.25 33.53 5.06
C PRO A 454 -1.17 32.47 5.62
N LEU A 455 -1.46 32.59 6.92
CA LEU A 455 -2.38 31.68 7.64
C LEU A 455 -3.80 32.22 7.85
N ILE B 2 -12.02 29.30 -15.15
CA ILE B 2 -12.95 28.31 -15.79
C ILE B 2 -12.88 28.35 -17.34
N LYS B 3 -12.30 27.32 -17.98
CA LYS B 3 -12.22 27.27 -19.44
C LYS B 3 -13.24 26.31 -20.05
N GLU B 4 -13.52 26.58 -21.33
CA GLU B 4 -14.33 25.71 -22.17
C GLU B 4 -13.40 24.72 -22.89
N MET B 5 -13.68 23.44 -22.74
CA MET B 5 -12.72 22.43 -23.21
C MET B 5 -12.90 22.23 -24.74
N PRO B 6 -11.82 22.00 -25.45
CA PRO B 6 -11.94 21.67 -26.86
C PRO B 6 -12.69 20.33 -27.11
N GLN B 7 -13.11 20.14 -28.36
CA GLN B 7 -13.85 18.93 -28.78
C GLN B 7 -13.51 18.69 -30.26
N PRO B 8 -13.24 17.42 -30.64
CA PRO B 8 -12.95 17.13 -32.03
C PRO B 8 -14.18 17.22 -32.92
N LYS B 9 -13.92 17.02 -34.21
CA LYS B 9 -14.94 17.20 -35.23
C LYS B 9 -16.16 16.27 -35.03
N THR B 10 -17.32 16.80 -35.41
CA THR B 10 -18.59 16.11 -35.23
C THR B 10 -19.23 15.75 -36.57
N PHE B 11 -20.18 14.82 -36.47
CA PHE B 11 -20.80 14.20 -37.61
C PHE B 11 -22.33 14.30 -37.43
N GLY B 12 -22.84 15.51 -37.23
CA GLY B 12 -24.28 15.74 -37.03
C GLY B 12 -24.81 14.92 -35.85
N GLU B 13 -25.89 14.18 -36.08
CA GLU B 13 -26.57 13.34 -35.07
C GLU B 13 -25.66 12.37 -34.33
N LEU B 14 -24.65 11.83 -35.01
CA LEU B 14 -23.75 10.88 -34.39
C LEU B 14 -22.65 11.52 -33.54
N LYS B 15 -22.60 12.84 -33.52
CA LYS B 15 -21.66 13.60 -32.72
C LYS B 15 -20.24 13.15 -33.02
N ASN B 16 -19.44 12.77 -32.03
CA ASN B 16 -18.06 12.31 -32.27
C ASN B 16 -17.91 10.81 -32.52
N LEU B 17 -19.03 10.09 -32.54
CA LEU B 17 -18.97 8.61 -32.55
C LEU B 17 -18.21 8.05 -33.76
N PRO B 18 -18.46 8.57 -34.98
CA PRO B 18 -17.74 8.01 -36.12
C PRO B 18 -16.21 8.12 -36.07
N LEU B 19 -15.64 8.96 -35.20
CA LEU B 19 -14.19 8.98 -34.98
C LEU B 19 -13.64 7.66 -34.48
N LEU B 20 -14.46 6.89 -33.76
CA LEU B 20 -14.07 5.58 -33.29
C LEU B 20 -14.37 4.46 -34.28
N ASN B 21 -14.96 4.80 -35.43
CA ASN B 21 -15.24 3.81 -36.44
C ASN B 21 -14.01 3.65 -37.33
N THR B 22 -13.02 2.97 -36.78
CA THR B 22 -11.68 2.84 -37.36
C THR B 22 -11.01 1.60 -36.76
N ASP B 23 -10.06 1.03 -37.50
CA ASP B 23 -9.21 -0.06 -36.98
C ASP B 23 -8.49 0.26 -35.66
N LYS B 24 -8.10 1.52 -35.49
CA LYS B 24 -7.14 1.89 -34.47
C LYS B 24 -7.64 3.11 -33.68
N PRO B 25 -8.71 2.92 -32.89
CA PRO B 25 -9.32 4.03 -32.17
C PRO B 25 -8.46 4.72 -31.10
N VAL B 26 -7.74 3.94 -30.30
CA VAL B 26 -6.84 4.51 -29.28
C VAL B 26 -5.76 5.34 -29.95
N GLN B 27 -5.18 4.81 -31.01
CA GLN B 27 -4.20 5.60 -31.73
C GLN B 27 -4.84 6.86 -32.34
N ALA B 28 -6.09 6.78 -32.80
CA ALA B 28 -6.80 7.97 -33.31
C ALA B 28 -7.00 9.00 -32.19
N LEU B 29 -7.34 8.54 -30.98
CA LEU B 29 -7.51 9.43 -29.83
C LEU B 29 -6.19 10.08 -29.40
N MET B 30 -5.09 9.33 -29.46
CA MET B 30 -3.78 9.89 -29.16
C MET B 30 -3.43 11.04 -30.10
N LYS B 31 -3.71 10.87 -31.40
CA LYS B 31 -3.58 11.96 -32.36
C LYS B 31 -4.50 13.17 -32.08
N ILE B 32 -5.73 12.92 -31.68
CA ILE B 32 -6.62 14.00 -31.27
C ILE B 32 -6.02 14.72 -30.04
N ALA B 33 -5.55 13.95 -29.06
CA ALA B 33 -4.87 14.54 -27.88
C ALA B 33 -3.65 15.39 -28.26
N ASP B 34 -2.84 14.94 -29.21
CA ASP B 34 -1.76 15.76 -29.74
C ASP B 34 -2.25 17.07 -30.30
N GLU B 35 -3.38 17.06 -31.02
CA GLU B 35 -4.00 18.30 -31.59
C GLU B 35 -4.64 19.19 -30.53
N LEU B 36 -5.36 18.61 -29.58
CA LEU B 36 -6.22 19.42 -28.70
C LEU B 36 -5.67 19.64 -27.29
N GLY B 37 -4.75 18.80 -26.83
CA GLY B 37 -4.15 18.98 -25.52
C GLY B 37 -4.63 18.02 -24.46
N GLU B 38 -4.44 18.42 -23.24
CA GLU B 38 -4.59 17.56 -22.06
C GLU B 38 -6.02 17.09 -21.74
N ILE B 39 -7.01 17.77 -22.32
CA ILE B 39 -8.38 17.43 -22.07
C ILE B 39 -9.27 17.78 -23.28
N PHE B 40 -10.11 16.84 -23.67
CA PHE B 40 -11.17 17.13 -24.69
C PHE B 40 -12.44 16.34 -24.45
N LYS B 41 -13.57 16.96 -24.81
CA LYS B 41 -14.90 16.37 -24.69
C LYS B 41 -15.14 15.44 -25.86
N PHE B 42 -15.78 14.31 -25.60
CA PHE B 42 -16.15 13.37 -26.63
C PHE B 42 -17.61 12.97 -26.43
N GLU B 43 -18.46 13.30 -27.40
CA GLU B 43 -19.89 13.04 -27.35
C GLU B 43 -20.29 11.92 -28.31
N ALA B 44 -21.28 11.13 -27.88
CA ALA B 44 -21.89 10.11 -28.71
C ALA B 44 -23.38 10.11 -28.36
N PRO B 45 -24.24 9.46 -29.18
CA PRO B 45 -25.67 9.53 -28.84
C PRO B 45 -25.89 8.96 -27.43
N GLY B 46 -26.50 9.78 -26.57
CA GLY B 46 -26.78 9.38 -25.20
C GLY B 46 -25.66 9.44 -24.20
N ARG B 47 -24.42 9.74 -24.60
CA ARG B 47 -23.32 9.82 -23.65
C ARG B 47 -22.24 10.86 -23.94
N VAL B 48 -21.53 11.22 -22.87
CA VAL B 48 -20.39 12.14 -22.91
C VAL B 48 -19.28 11.62 -22.03
N THR B 49 -18.06 11.78 -22.51
CA THR B 49 -16.90 11.61 -21.67
C THR B 49 -15.87 12.68 -21.98
N ARG B 50 -14.88 12.79 -21.10
CA ARG B 50 -13.80 13.72 -21.29
C ARG B 50 -12.50 12.92 -21.20
N TYR B 51 -11.68 13.01 -22.25
CA TYR B 51 -10.42 12.30 -22.34
C TYR B 51 -9.30 13.13 -21.74
N LEU B 52 -8.62 12.57 -20.73
CA LEU B 52 -7.48 13.18 -20.05
C LEU B 52 -6.17 12.56 -20.47
N SER B 53 -5.18 13.42 -20.66
CA SER B 53 -3.87 13.02 -21.17
C SER B 53 -2.65 13.55 -20.35
N SER B 54 -2.84 14.51 -19.45
CA SER B 54 -1.72 15.10 -18.70
C SER B 54 -1.66 14.53 -17.31
N GLN B 55 -0.45 14.41 -16.77
CA GLN B 55 -0.30 14.02 -15.38
C GLN B 55 -0.94 15.00 -14.41
N ARG B 56 -0.91 16.28 -14.76
CA ARG B 56 -1.54 17.36 -13.98
C ARG B 56 -3.00 17.07 -13.68
N LEU B 57 -3.76 16.68 -14.70
CA LEU B 57 -5.20 16.36 -14.50
C LEU B 57 -5.42 14.95 -14.00
N ILE B 58 -4.63 14.02 -14.50
CA ILE B 58 -4.84 12.62 -14.12
C ILE B 58 -4.54 12.37 -12.62
N LYS B 59 -3.58 13.10 -12.03
CA LYS B 59 -3.36 12.97 -10.57
C LYS B 59 -4.59 13.35 -9.73
N GLU B 60 -5.37 14.33 -10.19
CA GLU B 60 -6.67 14.61 -9.55
C GLU B 60 -7.72 13.53 -9.80
N ALA B 61 -7.80 13.05 -11.03
CA ALA B 61 -8.74 12.00 -11.37
C ALA B 61 -8.51 10.73 -10.50
N CYS B 62 -7.27 10.49 -10.10
CA CYS B 62 -6.89 9.34 -9.26
C CYS B 62 -7.16 9.47 -7.77
N ASP B 63 -7.72 10.61 -7.37
CA ASP B 63 -8.19 10.86 -6.01
C ASP B 63 -9.50 10.08 -5.81
N GLU B 64 -9.40 8.99 -5.05
CA GLU B 64 -10.54 8.11 -4.75
C GLU B 64 -11.64 8.75 -3.94
N SER B 65 -11.35 9.82 -3.21
CA SER B 65 -12.38 10.56 -2.51
C SER B 65 -13.27 11.35 -3.48
N ARG B 66 -12.78 11.68 -4.68
CA ARG B 66 -13.56 12.46 -5.65
C ARG B 66 -14.11 11.66 -6.85
N PHE B 67 -13.41 10.59 -7.23
CA PHE B 67 -13.72 9.82 -8.42
C PHE B 67 -13.64 8.31 -8.13
N ASP B 68 -14.56 7.54 -8.69
CA ASP B 68 -14.62 6.09 -8.59
C ASP B 68 -14.58 5.51 -10.01
N LYS B 69 -14.28 4.21 -10.12
CA LYS B 69 -14.30 3.50 -11.39
C LYS B 69 -15.69 3.54 -12.07
N ASN B 70 -15.67 3.89 -13.36
CA ASN B 70 -16.82 3.81 -14.22
C ASN B 70 -16.65 2.65 -15.19
N LEU B 71 -17.73 1.99 -15.55
CA LEU B 71 -17.67 1.00 -16.63
C LEU B 71 -17.83 1.72 -17.95
N SER B 72 -16.74 1.74 -18.72
CA SER B 72 -16.77 2.24 -20.10
C SER B 72 -17.79 1.44 -20.86
N GLN B 73 -18.18 1.92 -22.04
CA GLN B 73 -19.15 1.21 -22.84
C GLN B 73 -18.65 -0.21 -23.24
N ALA B 74 -17.37 -0.33 -23.50
CA ALA B 74 -16.71 -1.61 -23.72
C ALA B 74 -16.88 -2.58 -22.54
N LEU B 75 -16.60 -2.10 -21.32
CA LEU B 75 -16.81 -2.91 -20.13
C LEU B 75 -18.27 -3.30 -19.95
N LYS B 76 -19.18 -2.41 -20.28
CA LYS B 76 -20.59 -2.74 -20.21
C LYS B 76 -20.94 -3.88 -21.17
N PHE B 77 -20.35 -3.87 -22.36
CA PHE B 77 -20.63 -4.95 -23.33
C PHE B 77 -19.96 -6.26 -22.90
N VAL B 78 -18.74 -6.18 -22.35
CA VAL B 78 -18.05 -7.37 -21.85
C VAL B 78 -18.79 -8.02 -20.64
N ARG B 79 -19.46 -7.19 -19.85
CA ARG B 79 -20.31 -7.64 -18.71
C ARG B 79 -21.39 -8.62 -19.11
N ASP B 80 -21.86 -8.60 -20.36
CA ASP B 80 -22.75 -9.64 -20.82
C ASP B 80 -22.19 -11.05 -20.70
N PHE B 81 -20.86 -11.21 -20.65
CA PHE B 81 -20.27 -12.53 -20.44
C PHE B 81 -19.32 -12.64 -19.26
N ALA B 82 -18.80 -11.50 -18.77
CA ALA B 82 -17.97 -11.51 -17.56
C ALA B 82 -18.79 -11.15 -16.29
N GLY B 83 -20.06 -10.83 -16.46
CA GLY B 83 -21.00 -10.63 -15.36
C GLY B 83 -20.50 -9.66 -14.32
N ASP B 84 -20.69 -10.04 -13.04
CA ASP B 84 -20.18 -9.23 -11.90
C ASP B 84 -18.90 -9.85 -11.36
N GLY B 85 -18.04 -10.32 -12.29
CA GLY B 85 -16.62 -10.54 -12.02
C GLY B 85 -15.94 -9.25 -11.62
N LEU B 86 -14.71 -9.37 -11.12
CA LEU B 86 -14.03 -8.22 -10.52
C LEU B 86 -13.89 -7.04 -11.47
N ALA B 87 -13.60 -7.29 -12.76
CA ALA B 87 -13.27 -6.22 -13.70
C ALA B 87 -14.48 -5.47 -14.23
N THR B 88 -15.67 -6.12 -14.25
CA THR B 88 -16.88 -5.54 -14.78
C THR B 88 -17.95 -5.23 -13.72
N SER B 89 -17.56 -5.22 -12.43
CA SER B 89 -18.46 -4.89 -11.31
C SER B 89 -18.22 -3.43 -10.86
N TRP B 90 -19.28 -2.78 -10.41
CA TRP B 90 -19.17 -1.46 -9.82
C TRP B 90 -18.65 -1.66 -8.37
N THR B 91 -17.92 -0.67 -7.90
CA THR B 91 -17.34 -0.69 -6.55
C THR B 91 -18.37 -0.88 -5.47
N HIS B 92 -19.57 -0.32 -5.70
CA HIS B 92 -20.69 -0.44 -4.75
C HIS B 92 -21.52 -1.72 -4.82
N GLU B 93 -21.27 -2.61 -5.77
CA GLU B 93 -21.92 -3.92 -5.74
C GLU B 93 -21.29 -4.81 -4.66
N LYS B 94 -22.11 -5.46 -3.86
CA LYS B 94 -21.63 -6.38 -2.82
C LYS B 94 -20.56 -7.36 -3.34
N ASN B 95 -20.77 -7.91 -4.54
CA ASN B 95 -19.84 -8.91 -5.08
C ASN B 95 -18.47 -8.38 -5.45
N TRP B 96 -18.36 -7.05 -5.62
CA TRP B 96 -17.06 -6.46 -5.89
C TRP B 96 -16.18 -6.63 -4.64
N LYS B 97 -16.61 -6.04 -3.51
CA LYS B 97 -15.81 -6.06 -2.29
C LYS B 97 -15.58 -7.48 -1.73
N LYS B 98 -16.62 -8.32 -1.84
CA LYS B 98 -16.56 -9.71 -1.40
C LYS B 98 -15.50 -10.50 -2.15
N ALA B 99 -15.56 -10.46 -3.49
CA ALA B 99 -14.60 -11.16 -4.32
C ALA B 99 -13.20 -10.59 -4.16
N HIS B 100 -13.12 -9.26 -4.05
CA HIS B 100 -11.86 -8.58 -3.79
C HIS B 100 -11.19 -9.07 -2.51
N ASN B 101 -11.95 -9.08 -1.42
CA ASN B 101 -11.42 -9.63 -0.14
C ASN B 101 -11.02 -11.10 -0.20
N ILE B 102 -11.82 -11.90 -0.87
CA ILE B 102 -11.55 -13.32 -0.96
C ILE B 102 -10.32 -13.60 -1.84
N LEU B 103 -10.17 -12.86 -2.94
CA LEU B 103 -9.14 -13.17 -3.93
C LEU B 103 -7.79 -12.45 -3.73
N LEU B 104 -7.73 -11.40 -2.95
CA LEU B 104 -6.51 -10.67 -2.78
C LEU B 104 -5.34 -11.56 -2.31
N PRO B 105 -5.56 -12.46 -1.31
CA PRO B 105 -4.47 -13.34 -0.89
C PRO B 105 -4.01 -14.32 -1.96
N SER B 106 -4.85 -14.66 -2.93
CA SER B 106 -4.41 -15.46 -4.06
C SER B 106 -3.51 -14.75 -5.07
N PHE B 107 -3.31 -13.46 -4.92
CA PHE B 107 -2.62 -12.65 -5.95
C PHE B 107 -1.47 -11.84 -5.42
N SER B 108 -1.08 -12.16 -4.20
CA SER B 108 -0.09 -11.41 -3.52
C SER B 108 1.21 -11.80 -4.12
N GLN B 109 2.22 -10.97 -3.90
CA GLN B 109 3.58 -11.36 -4.22
C GLN B 109 3.86 -12.76 -3.59
N GLN B 110 3.48 -12.99 -2.33
CA GLN B 110 3.69 -14.31 -1.68
C GLN B 110 3.08 -15.44 -2.47
N ALA B 111 1.85 -15.25 -2.96
CA ALA B 111 1.08 -16.31 -3.65
C ALA B 111 1.73 -16.83 -4.95
N MET B 112 2.60 -16.00 -5.52
CA MET B 112 3.28 -16.33 -6.73
C MET B 112 4.22 -17.48 -6.54
N LYS B 113 4.70 -17.72 -5.31
CA LYS B 113 5.54 -18.89 -5.05
C LYS B 113 4.82 -20.17 -5.38
N GLY B 114 3.51 -20.22 -5.07
CA GLY B 114 2.70 -21.39 -5.40
C GLY B 114 2.44 -21.60 -6.91
N TYR B 115 2.34 -20.50 -7.68
CA TYR B 115 2.10 -20.55 -9.13
C TYR B 115 3.36 -20.81 -9.94
N HIS B 116 4.53 -20.56 -9.35
CA HIS B 116 5.78 -20.54 -10.09
C HIS B 116 6.02 -21.81 -10.91
N ALA B 117 5.84 -22.97 -10.28
CA ALA B 117 6.10 -24.24 -10.94
C ALA B 117 5.28 -24.41 -12.21
N MET B 118 3.99 -24.06 -12.16
CA MET B 118 3.08 -24.17 -13.31
CA MET B 118 3.11 -24.20 -13.32
C MET B 118 3.42 -23.13 -14.39
N MET B 119 3.88 -21.95 -13.99
CA MET B 119 4.35 -20.96 -14.97
C MET B 119 5.58 -21.50 -15.70
N VAL B 120 6.48 -22.13 -14.94
CA VAL B 120 7.68 -22.76 -15.50
C VAL B 120 7.30 -23.87 -16.50
N ASP B 121 6.29 -24.68 -16.18
CA ASP B 121 5.78 -25.77 -17.09
C ASP B 121 5.50 -25.20 -18.48
N ILE B 122 4.71 -24.14 -18.52
CA ILE B 122 4.38 -23.51 -19.81
C ILE B 122 5.60 -22.82 -20.47
N ALA B 123 6.44 -22.13 -19.68
CA ALA B 123 7.64 -21.46 -20.22
C ALA B 123 8.61 -22.43 -20.89
N VAL B 124 8.80 -23.59 -20.26
CA VAL B 124 9.59 -24.66 -20.83
C VAL B 124 9.01 -25.13 -22.19
N GLN B 125 7.69 -25.31 -22.25
CA GLN B 125 7.04 -25.64 -23.54
C GLN B 125 7.37 -24.62 -24.64
N LEU B 126 7.37 -23.32 -24.30
CA LEU B 126 7.67 -22.26 -25.26
C LEU B 126 9.12 -22.37 -25.75
N VAL B 127 10.05 -22.49 -24.80
CA VAL B 127 11.45 -22.64 -25.11
C VAL B 127 11.71 -23.89 -25.96
N GLN B 128 11.11 -25.03 -25.58
CA GLN B 128 11.26 -26.25 -26.40
C GLN B 128 10.69 -26.05 -27.83
N LYS B 129 9.56 -25.36 -27.96
CA LYS B 129 9.02 -25.12 -29.30
C LYS B 129 10.08 -24.42 -30.18
N TRP B 130 10.67 -23.35 -29.65
CA TRP B 130 11.66 -22.55 -30.39
C TRP B 130 12.97 -23.26 -30.62
N GLU B 131 13.40 -24.09 -29.65
CA GLU B 131 14.56 -24.97 -29.85
C GLU B 131 14.34 -25.94 -31.00
N ARG B 132 13.07 -26.30 -31.27
CA ARG B 132 12.72 -27.30 -32.27
C ARG B 132 12.43 -26.78 -33.69
N LEU B 133 12.52 -25.48 -33.91
CA LEU B 133 12.35 -24.93 -35.26
C LEU B 133 13.55 -25.27 -36.13
N ASN B 134 13.32 -25.47 -37.42
CA ASN B 134 14.36 -25.68 -38.37
C ASN B 134 14.96 -24.35 -38.82
N ALA B 135 16.10 -24.44 -39.47
CA ALA B 135 16.84 -23.27 -40.05
C ALA B 135 15.96 -22.30 -40.87
N ASP B 136 15.14 -22.87 -41.75
CA ASP B 136 14.22 -22.08 -42.62
C ASP B 136 13.13 -21.23 -41.91
N GLU B 137 12.91 -21.42 -40.60
CA GLU B 137 11.65 -21.03 -40.00
C GLU B 137 11.78 -19.79 -39.16
N HIS B 138 10.65 -19.21 -38.82
CA HIS B 138 10.64 -18.03 -37.96
C HIS B 138 9.59 -18.22 -36.89
N ILE B 139 9.56 -17.26 -35.97
CA ILE B 139 8.62 -17.18 -34.86
C ILE B 139 7.61 -16.07 -35.11
N GLU B 140 6.33 -16.38 -34.89
CA GLU B 140 5.28 -15.39 -34.87
C GLU B 140 5.13 -15.00 -33.39
N VAL B 141 5.63 -13.82 -33.04
CA VAL B 141 5.82 -13.49 -31.63
C VAL B 141 4.52 -13.35 -30.84
N PRO B 142 3.60 -12.47 -31.26
CA PRO B 142 2.37 -12.32 -30.41
C PRO B 142 1.52 -13.60 -30.35
N GLU B 143 1.50 -14.36 -31.44
CA GLU B 143 0.82 -15.64 -31.48
C GLU B 143 1.37 -16.62 -30.42
N ASP B 144 2.69 -16.78 -30.37
CA ASP B 144 3.33 -17.63 -29.36
C ASP B 144 3.24 -17.08 -27.93
N MET B 145 3.30 -15.75 -27.76
CA MET B 145 3.10 -15.17 -26.45
C MET B 145 1.68 -15.39 -25.92
N THR B 146 0.68 -15.32 -26.81
CA THR B 146 -0.71 -15.60 -26.44
C THR B 146 -0.94 -17.08 -26.07
N ARG B 147 -0.34 -17.99 -26.84
CA ARG B 147 -0.36 -19.38 -26.48
C ARG B 147 0.17 -19.55 -25.04
N LEU B 148 1.30 -18.89 -24.75
CA LEU B 148 1.90 -18.96 -23.41
C LEU B 148 1.00 -18.40 -22.30
N THR B 149 0.49 -17.18 -22.48
CA THR B 149 -0.24 -16.52 -21.38
C THR B 149 -1.57 -17.18 -21.12
N LEU B 150 -2.28 -17.58 -22.18
CA LEU B 150 -3.54 -18.33 -22.02
CA LEU B 150 -3.50 -18.32 -21.99
C LEU B 150 -3.29 -19.64 -21.27
N ASP B 151 -2.28 -20.42 -21.70
CA ASP B 151 -2.03 -21.70 -21.05
C ASP B 151 -1.59 -21.53 -19.60
N THR B 152 -0.86 -20.46 -19.31
CA THR B 152 -0.40 -20.23 -17.97
C THR B 152 -1.58 -19.90 -17.01
N ILE B 153 -2.47 -19.02 -17.45
CA ILE B 153 -3.63 -18.68 -16.62
C ILE B 153 -4.58 -19.86 -16.50
N GLY B 154 -4.71 -20.67 -17.54
CA GLY B 154 -5.56 -21.90 -17.43
C GLY B 154 -5.05 -22.88 -16.39
N LEU B 155 -3.73 -23.05 -16.34
CA LEU B 155 -3.09 -24.02 -15.44
C LEU B 155 -3.02 -23.47 -14.02
N CYS B 156 -2.55 -22.22 -13.87
CA CYS B 156 -2.55 -21.56 -12.56
C CYS B 156 -3.96 -21.16 -12.09
N GLY B 157 -4.87 -20.88 -13.00
CA GLY B 157 -6.22 -20.40 -12.66
C GLY B 157 -7.15 -21.53 -12.26
N PHE B 158 -7.25 -22.56 -13.10
CA PHE B 158 -8.11 -23.66 -12.78
C PHE B 158 -7.60 -25.11 -13.05
N ASN B 159 -6.27 -25.33 -12.97
CA ASN B 159 -5.63 -26.60 -13.27
C ASN B 159 -6.13 -27.26 -14.59
N TYR B 160 -6.33 -26.44 -15.63
CA TYR B 160 -6.88 -26.86 -16.91
C TYR B 160 -5.81 -26.57 -18.01
N ARG B 161 -5.57 -27.55 -18.87
CA ARG B 161 -4.56 -27.43 -19.95
C ARG B 161 -5.27 -27.14 -21.29
N PHE B 162 -5.19 -25.89 -21.77
CA PHE B 162 -5.65 -25.55 -23.13
C PHE B 162 -4.79 -26.19 -24.23
N ASN B 163 -3.56 -26.56 -23.87
CA ASN B 163 -2.61 -27.24 -24.77
C ASN B 163 -2.43 -26.46 -26.08
N SER B 164 -2.21 -25.16 -25.93
CA SER B 164 -2.13 -24.26 -27.08
C SER B 164 -0.89 -24.55 -27.96
N PHE B 165 0.20 -25.06 -27.35
CA PHE B 165 1.40 -25.47 -28.14
C PHE B 165 1.25 -26.78 -28.92
N TYR B 166 0.12 -27.48 -28.75
CA TYR B 166 -0.28 -28.64 -29.54
C TYR B 166 -1.23 -28.31 -30.71
N ARG B 167 -1.49 -27.02 -30.99
CA ARG B 167 -2.50 -26.68 -32.02
C ARG B 167 -2.18 -25.48 -32.91
N ASP B 168 -2.91 -25.44 -34.04
CA ASP B 168 -3.10 -24.29 -34.94
C ASP B 168 -4.44 -23.57 -34.63
N GLN B 169 -5.56 -24.28 -34.70
CA GLN B 169 -6.88 -23.72 -34.25
C GLN B 169 -6.98 -23.83 -32.72
N PRO B 170 -7.24 -22.70 -32.02
CA PRO B 170 -7.35 -22.81 -30.56
C PRO B 170 -8.44 -23.73 -30.01
N HIS B 171 -8.29 -24.08 -28.74
CA HIS B 171 -9.36 -24.69 -27.94
C HIS B 171 -10.68 -23.97 -28.29
N PRO B 172 -11.80 -24.71 -28.52
CA PRO B 172 -13.09 -24.04 -28.76
C PRO B 172 -13.43 -22.88 -27.77
N PHE B 173 -13.27 -23.12 -26.47
CA PHE B 173 -13.36 -22.04 -25.46
C PHE B 173 -12.69 -20.76 -25.92
N ILE B 174 -11.43 -20.87 -26.33
CA ILE B 174 -10.68 -19.67 -26.68
C ILE B 174 -11.29 -19.02 -27.89
N THR B 175 -11.70 -19.83 -28.88
CA THR B 175 -12.34 -19.31 -30.10
C THR B 175 -13.60 -18.47 -29.81
N SER B 176 -14.48 -19.03 -28.99
CA SER B 176 -15.67 -18.31 -28.54
C SER B 176 -15.36 -17.01 -27.77
N MET B 177 -14.35 -17.05 -26.89
CA MET B 177 -14.01 -15.92 -26.02
C MET B 177 -13.49 -14.80 -26.86
N VAL B 178 -12.60 -15.15 -27.78
CA VAL B 178 -12.04 -14.16 -28.69
C VAL B 178 -13.14 -13.55 -29.59
N ARG B 179 -14.10 -14.37 -30.01
CA ARG B 179 -15.19 -13.90 -30.88
C ARG B 179 -16.20 -13.01 -30.12
N ALA B 180 -16.49 -13.38 -28.88
CA ALA B 180 -17.30 -12.56 -27.98
C ALA B 180 -16.68 -11.18 -27.74
N LEU B 181 -15.39 -11.15 -27.38
CA LEU B 181 -14.63 -9.89 -27.20
C LEU B 181 -14.69 -9.03 -28.46
N ASP B 182 -14.55 -9.69 -29.60
CA ASP B 182 -14.58 -9.03 -30.90
C ASP B 182 -15.96 -8.39 -31.15
N GLU B 183 -17.04 -9.14 -30.86
CA GLU B 183 -18.41 -8.64 -30.99
C GLU B 183 -18.65 -7.44 -30.05
N ALA B 184 -18.19 -7.56 -28.80
CA ALA B 184 -18.31 -6.50 -27.82
C ALA B 184 -17.68 -5.23 -28.37
N MET B 185 -16.44 -5.35 -28.85
CA MET B 185 -15.69 -4.26 -29.46
C MET B 185 -16.42 -3.67 -30.67
N ASN B 186 -16.89 -4.53 -31.59
CA ASN B 186 -17.55 -4.05 -32.83
C ASN B 186 -18.88 -3.30 -32.60
N LYS B 187 -19.65 -3.71 -31.59
CA LYS B 187 -20.86 -2.98 -31.17
C LYS B 187 -20.59 -1.50 -30.82
N LEU B 188 -19.37 -1.18 -30.35
CA LEU B 188 -18.99 0.20 -30.00
C LEU B 188 -19.12 1.24 -31.14
N GLN B 189 -18.89 0.80 -32.38
CA GLN B 189 -18.81 1.68 -33.57
C GLN B 189 -20.05 1.55 -34.48
N ARG B 190 -21.03 0.75 -34.05
CA ARG B 190 -22.23 0.39 -34.85
C ARG B 190 -23.16 1.57 -34.72
N ALA B 191 -23.32 2.35 -35.80
CA ALA B 191 -24.30 3.46 -35.85
C ALA B 191 -25.75 2.91 -35.81
N ASN B 192 -25.98 1.75 -36.44
CA ASN B 192 -27.31 1.13 -36.52
C ASN B 192 -27.34 -0.28 -35.91
N PRO B 193 -27.26 -0.40 -34.56
CA PRO B 193 -27.11 -1.74 -33.91
C PRO B 193 -28.30 -2.72 -34.02
N ASP B 194 -29.49 -2.26 -34.44
CA ASP B 194 -30.64 -3.13 -34.69
C ASP B 194 -30.97 -3.34 -36.17
N ASP B 195 -30.05 -2.93 -37.04
CA ASP B 195 -30.09 -3.21 -38.47
C ASP B 195 -30.13 -4.75 -38.59
N PRO B 196 -30.97 -5.32 -39.51
CA PRO B 196 -31.09 -6.80 -39.61
C PRO B 196 -29.77 -7.54 -39.89
N ALA B 197 -28.85 -6.90 -40.61
CA ALA B 197 -27.46 -7.35 -40.80
C ALA B 197 -26.82 -7.97 -39.54
N TYR B 198 -27.21 -7.51 -38.36
CA TYR B 198 -26.60 -7.94 -37.10
C TYR B 198 -27.32 -9.05 -36.33
N ASP B 199 -28.42 -9.58 -36.87
CA ASP B 199 -29.12 -10.72 -36.21
C ASP B 199 -28.22 -11.97 -36.07
N GLU B 200 -27.37 -12.21 -37.07
CA GLU B 200 -26.43 -13.34 -37.03
C GLU B 200 -25.34 -13.09 -36.00
N ASN B 201 -24.88 -11.85 -35.91
CA ASN B 201 -23.92 -11.46 -34.87
C ASN B 201 -24.49 -11.75 -33.47
N LYS B 202 -25.78 -11.47 -33.30
CA LYS B 202 -26.46 -11.66 -32.03
C LYS B 202 -26.63 -13.13 -31.68
N ARG B 203 -26.99 -13.95 -32.66
CA ARG B 203 -27.08 -15.40 -32.47
C ARG B 203 -25.71 -16.01 -32.12
N GLN B 204 -24.67 -15.55 -32.80
CA GLN B 204 -23.31 -16.05 -32.59
C GLN B 204 -22.83 -15.71 -31.18
N PHE B 205 -23.09 -14.47 -30.80
CA PHE B 205 -22.75 -13.96 -29.47
C PHE B 205 -23.33 -14.87 -28.37
N GLN B 206 -24.60 -15.22 -28.48
CA GLN B 206 -25.23 -16.11 -27.49
C GLN B 206 -24.58 -17.51 -27.46
N GLU B 207 -24.26 -18.08 -28.63
CA GLU B 207 -23.61 -19.40 -28.69
C GLU B 207 -22.21 -19.40 -28.02
N ASP B 208 -21.43 -18.36 -28.26
CA ASP B 208 -20.10 -18.21 -27.64
C ASP B 208 -20.13 -18.05 -26.12
N ILE B 209 -21.13 -17.35 -25.62
CA ILE B 209 -21.36 -17.25 -24.19
C ILE B 209 -21.62 -18.64 -23.62
N LYS B 210 -22.45 -19.41 -24.31
CA LYS B 210 -22.83 -20.75 -23.83
C LYS B 210 -21.63 -21.70 -23.79
N VAL B 211 -20.73 -21.56 -24.76
CA VAL B 211 -19.51 -22.36 -24.80
C VAL B 211 -18.65 -22.07 -23.58
N MET B 212 -18.45 -20.77 -23.31
CA MET B 212 -17.61 -20.37 -22.19
C MET B 212 -18.18 -20.91 -20.87
N ASN B 213 -19.47 -20.64 -20.63
CA ASN B 213 -20.15 -21.02 -19.39
C ASN B 213 -20.16 -22.54 -19.17
N ASP B 214 -20.44 -23.29 -20.24
CA ASP B 214 -20.58 -24.76 -20.14
C ASP B 214 -19.30 -25.39 -19.66
N LEU B 215 -18.19 -25.06 -20.32
CA LEU B 215 -16.89 -25.54 -19.88
C LEU B 215 -16.62 -25.21 -18.40
N VAL B 216 -16.65 -23.91 -18.07
CA VAL B 216 -16.25 -23.44 -16.75
C VAL B 216 -17.10 -24.07 -15.64
N ASP B 217 -18.42 -24.02 -15.82
CA ASP B 217 -19.38 -24.59 -14.86
C ASP B 217 -19.14 -26.08 -14.63
N LYS B 218 -18.79 -26.81 -15.69
CA LYS B 218 -18.47 -28.23 -15.56
C LYS B 218 -17.26 -28.41 -14.65
N ILE B 219 -16.21 -27.64 -14.93
CA ILE B 219 -14.98 -27.76 -14.12
C ILE B 219 -15.27 -27.49 -12.64
N ILE B 220 -15.92 -26.35 -12.37
CA ILE B 220 -16.32 -26.03 -10.99
C ILE B 220 -17.05 -27.21 -10.29
N ALA B 221 -18.08 -27.76 -10.95
CA ALA B 221 -18.85 -28.91 -10.40
C ALA B 221 -18.00 -30.23 -10.28
N ASP B 222 -17.13 -30.52 -11.26
CA ASP B 222 -16.14 -31.63 -11.14
C ASP B 222 -15.26 -31.51 -9.89
N ARG B 223 -14.69 -30.32 -9.69
CA ARG B 223 -13.82 -30.04 -8.56
C ARG B 223 -14.58 -30.13 -7.24
N LYS B 224 -15.77 -29.49 -7.19
CA LYS B 224 -16.65 -29.55 -6.01
C LYS B 224 -17.00 -31.01 -5.62
N ALA B 225 -17.37 -31.83 -6.59
CA ALA B 225 -17.65 -33.26 -6.36
C ALA B 225 -16.39 -34.08 -6.02
N SER B 226 -15.23 -33.74 -6.60
CA SER B 226 -13.97 -34.49 -6.34
C SER B 226 -13.40 -34.20 -4.95
N GLY B 227 -13.50 -32.94 -4.52
CA GLY B 227 -12.90 -32.48 -3.26
C GLY B 227 -11.39 -32.29 -3.33
N GLU B 228 -10.81 -32.41 -4.53
CA GLU B 228 -9.36 -32.37 -4.67
C GLU B 228 -8.86 -30.92 -4.56
N GLN B 229 -7.64 -30.77 -4.04
CA GLN B 229 -7.04 -29.47 -3.74
C GLN B 229 -5.82 -29.28 -4.62
N SER B 230 -5.76 -28.16 -5.32
CA SER B 230 -4.61 -27.82 -6.16
C SER B 230 -4.01 -26.48 -5.70
N ASP B 231 -2.96 -26.05 -6.43
CA ASP B 231 -2.24 -24.78 -6.21
C ASP B 231 -2.84 -23.68 -7.10
N ASP B 232 -4.17 -23.69 -7.26
CA ASP B 232 -4.83 -22.83 -8.20
C ASP B 232 -5.85 -21.85 -7.55
N LEU B 233 -6.19 -20.83 -8.32
CA LEU B 233 -7.19 -19.84 -7.97
C LEU B 233 -8.57 -20.39 -7.71
N LEU B 234 -8.94 -21.43 -8.46
CA LEU B 234 -10.23 -22.06 -8.28
C LEU B 234 -10.39 -22.63 -6.87
N THR B 235 -9.35 -23.30 -6.38
CA THR B 235 -9.33 -23.91 -5.05
C THR B 235 -9.53 -22.81 -4.03
N HIS B 236 -8.80 -21.72 -4.19
CA HIS B 236 -8.89 -20.62 -3.23
C HIS B 236 -10.29 -20.02 -3.22
N MET B 237 -10.92 -19.89 -4.39
CA MET B 237 -12.31 -19.42 -4.50
C MET B 237 -13.32 -20.37 -3.87
N LEU B 238 -13.18 -21.68 -4.05
CA LEU B 238 -14.09 -22.62 -3.42
C LEU B 238 -13.93 -22.64 -1.90
N ASN B 239 -12.72 -22.47 -1.39
CA ASN B 239 -12.45 -22.54 0.07
C ASN B 239 -12.63 -21.19 0.76
N GLY B 240 -12.58 -20.11 -0.01
CA GLY B 240 -12.38 -18.78 0.53
C GLY B 240 -13.62 -18.20 1.15
N LYS B 241 -13.41 -17.52 2.27
CA LYS B 241 -14.50 -16.89 3.00
C LYS B 241 -14.15 -15.43 3.17
N ASP B 242 -15.09 -14.56 2.90
CA ASP B 242 -14.86 -13.12 3.06
C ASP B 242 -14.68 -12.87 4.56
N PRO B 243 -13.52 -12.34 5.00
CA PRO B 243 -13.30 -12.16 6.44
C PRO B 243 -14.38 -11.36 7.17
N GLU B 244 -15.02 -10.40 6.49
CA GLU B 244 -16.02 -9.58 7.16
C GLU B 244 -17.19 -10.46 7.62
N THR B 245 -17.72 -11.23 6.68
CA THR B 245 -18.94 -12.01 6.87
C THR B 245 -18.77 -13.52 7.12
N GLY B 246 -17.61 -14.07 6.78
CA GLY B 246 -17.42 -15.53 6.71
C GLY B 246 -18.10 -16.22 5.51
N GLU B 247 -18.61 -15.46 4.53
CA GLU B 247 -19.33 -16.04 3.36
C GLU B 247 -18.38 -16.30 2.19
N PRO B 248 -18.60 -17.41 1.47
CA PRO B 248 -17.85 -17.66 0.23
C PRO B 248 -18.58 -17.08 -0.99
N LEU B 249 -17.95 -17.12 -2.15
CA LEU B 249 -18.57 -16.70 -3.43
C LEU B 249 -19.55 -17.76 -3.86
N ASP B 250 -20.67 -17.40 -4.47
CA ASP B 250 -21.54 -18.43 -5.05
C ASP B 250 -20.98 -18.96 -6.36
N ASP B 251 -21.47 -20.13 -6.79
CA ASP B 251 -20.90 -20.84 -7.94
C ASP B 251 -20.93 -19.99 -9.24
N GLU B 252 -22.00 -19.25 -9.44
CA GLU B 252 -22.13 -18.40 -10.63
C GLU B 252 -21.08 -17.29 -10.69
N ASN B 253 -20.97 -16.56 -9.57
CA ASN B 253 -19.90 -15.55 -9.47
C ASN B 253 -18.53 -16.15 -9.65
N ILE B 254 -18.30 -17.33 -9.09
CA ILE B 254 -17.03 -18.03 -9.34
C ILE B 254 -16.77 -18.21 -10.86
N ARG B 255 -17.82 -18.53 -11.60
CA ARG B 255 -17.64 -18.72 -13.04
C ARG B 255 -17.38 -17.39 -13.74
N TYR B 256 -18.08 -16.34 -13.33
CA TYR B 256 -17.68 -15.00 -13.82
C TYR B 256 -16.23 -14.68 -13.55
N GLN B 257 -15.73 -15.02 -12.35
CA GLN B 257 -14.30 -14.75 -12.02
C GLN B 257 -13.33 -15.53 -12.92
N ILE B 258 -13.65 -16.79 -13.22
CA ILE B 258 -12.78 -17.60 -14.12
C ILE B 258 -12.75 -17.02 -15.52
N ILE B 259 -13.91 -16.69 -16.07
CA ILE B 259 -13.97 -15.98 -17.36
C ILE B 259 -13.19 -14.68 -17.34
N THR B 260 -13.36 -13.94 -16.24
CA THR B 260 -12.65 -12.69 -15.99
C THR B 260 -11.11 -12.86 -16.01
N PHE B 261 -10.57 -13.82 -15.26
CA PHE B 261 -9.09 -14.03 -15.28
C PHE B 261 -8.45 -14.28 -16.64
N LEU B 262 -9.11 -15.12 -17.44
CA LEU B 262 -8.70 -15.35 -18.87
C LEU B 262 -8.79 -14.07 -19.72
N ILE B 263 -9.95 -13.45 -19.76
CA ILE B 263 -10.10 -12.19 -20.50
C ILE B 263 -9.09 -11.12 -20.04
N ALA B 264 -8.94 -10.93 -18.72
CA ALA B 264 -8.23 -9.75 -18.16
C ALA B 264 -6.72 -9.85 -18.19
N GLY B 265 -6.24 -11.07 -18.01
CA GLY B 265 -4.82 -11.32 -17.93
C GLY B 265 -4.07 -11.74 -19.18
N HIS B 266 -4.69 -12.64 -19.96
CA HIS B 266 -3.99 -13.29 -21.09
C HIS B 266 -3.53 -12.30 -22.14
N GLU B 267 -4.42 -11.40 -22.58
CA GLU B 267 -4.16 -10.59 -23.76
C GLU B 267 -3.21 -9.49 -23.44
N THR B 268 -3.42 -8.85 -22.27
CA THR B 268 -2.55 -7.75 -21.86
C THR B 268 -1.12 -8.25 -21.67
N THR B 269 -0.96 -9.42 -21.04
CA THR B 269 0.36 -9.93 -20.71
C THR B 269 1.11 -10.34 -21.98
N SER B 270 0.35 -10.94 -22.88
CA SER B 270 0.90 -11.34 -24.18
C SER B 270 1.41 -10.14 -24.98
N GLY B 271 0.59 -9.11 -25.02
CA GLY B 271 1.02 -7.86 -25.64
C GLY B 271 2.29 -7.29 -24.99
N LEU B 272 2.37 -7.34 -23.68
CA LEU B 272 3.55 -6.79 -22.96
C LEU B 272 4.83 -7.56 -23.40
N LEU B 273 4.76 -8.88 -23.38
CA LEU B 273 5.93 -9.68 -23.82
C LEU B 273 6.36 -9.33 -25.24
N SER B 274 5.37 -9.17 -26.11
CA SER B 274 5.61 -8.89 -27.54
C SER B 274 6.24 -7.52 -27.73
N PHE B 275 5.68 -6.51 -27.07
CA PHE B 275 6.28 -5.18 -27.16
C PHE B 275 7.71 -5.16 -26.58
N ALA B 276 7.91 -5.87 -25.45
CA ALA B 276 9.22 -5.87 -24.80
C ALA B 276 10.26 -6.46 -25.73
N LEU B 277 9.92 -7.56 -26.39
CA LEU B 277 10.83 -8.20 -27.33
C LEU B 277 11.08 -7.30 -28.55
N TYR B 278 10.04 -6.63 -29.03
CA TYR B 278 10.18 -5.69 -30.13
C TYR B 278 11.18 -4.58 -29.75
N PHE B 279 10.99 -3.99 -28.57
CA PHE B 279 11.88 -2.89 -28.16
C PHE B 279 13.31 -3.35 -27.92
N LEU B 280 13.46 -4.53 -27.33
CA LEU B 280 14.80 -5.07 -27.17
C LEU B 280 15.50 -5.21 -28.51
N GLY B 281 14.78 -5.68 -29.53
CA GLY B 281 15.34 -5.81 -30.90
C GLY B 281 15.76 -4.46 -31.54
N LYS B 282 15.07 -3.38 -31.20
CA LYS B 282 15.42 -2.03 -31.67
C LYS B 282 16.46 -1.28 -30.82
N ASN B 283 16.92 -1.84 -29.72
CA ASN B 283 17.81 -1.15 -28.79
C ASN B 283 18.89 -2.08 -28.30
N PRO B 284 19.91 -2.32 -29.14
CA PRO B 284 20.93 -3.34 -28.83
C PRO B 284 21.67 -3.13 -27.54
N HIS B 285 21.86 -1.89 -27.13
CA HIS B 285 22.52 -1.60 -25.86
C HIS B 285 21.67 -2.10 -24.65
N VAL B 286 20.36 -1.89 -24.72
CA VAL B 286 19.40 -2.39 -23.69
C VAL B 286 19.34 -3.92 -23.73
N LEU B 287 19.25 -4.49 -24.94
CA LEU B 287 19.29 -5.96 -25.06
C LEU B 287 20.49 -6.59 -24.39
N GLN B 288 21.67 -6.01 -24.63
CA GLN B 288 22.93 -6.53 -24.05
C GLN B 288 22.86 -6.56 -22.53
N LYS B 289 22.40 -5.49 -21.90
CA LYS B 289 22.27 -5.43 -20.43
C LYS B 289 21.25 -6.46 -19.95
N ALA B 290 20.12 -6.55 -20.64
CA ALA B 290 19.06 -7.52 -20.23
C ALA B 290 19.57 -8.96 -20.32
N ALA B 291 20.22 -9.29 -21.44
CA ALA B 291 20.73 -10.64 -21.66
C ALA B 291 21.86 -10.97 -20.69
N GLU B 292 22.71 -9.99 -20.39
CA GLU B 292 23.78 -10.15 -19.37
C GLU B 292 23.18 -10.50 -18.02
N GLU B 293 22.11 -9.81 -17.63
CA GLU B 293 21.47 -10.10 -16.36
C GLU B 293 20.87 -11.50 -16.32
N ALA B 294 20.18 -11.86 -17.39
CA ALA B 294 19.57 -13.19 -17.49
C ALA B 294 20.62 -14.28 -17.38
N ALA B 295 21.74 -14.14 -18.08
CA ALA B 295 22.82 -15.15 -18.00
C ALA B 295 23.45 -15.23 -16.61
N ARG B 296 23.63 -14.09 -15.94
CA ARG B 296 24.26 -14.07 -14.63
C ARG B 296 23.34 -14.60 -13.54
N VAL B 297 22.05 -14.30 -13.63
CA VAL B 297 21.10 -14.70 -12.57
C VAL B 297 20.55 -16.11 -12.75
N LEU B 298 20.17 -16.46 -13.98
CA LEU B 298 19.50 -17.75 -14.23
C LEU B 298 20.49 -18.89 -14.42
N VAL B 299 21.11 -19.27 -13.30
CA VAL B 299 22.23 -20.23 -13.31
C VAL B 299 21.82 -21.71 -13.31
N ASP B 300 20.54 -22.01 -13.13
CA ASP B 300 20.06 -23.39 -13.08
C ASP B 300 19.30 -23.73 -14.36
N PRO B 301 19.06 -25.03 -14.65
CA PRO B 301 18.33 -25.37 -15.88
C PRO B 301 16.89 -24.87 -15.95
N VAL B 302 16.23 -24.74 -14.80
CA VAL B 302 14.99 -23.97 -14.74
C VAL B 302 15.05 -22.91 -13.67
N PRO B 303 14.38 -21.77 -13.90
CA PRO B 303 14.45 -20.67 -12.93
C PRO B 303 13.68 -20.94 -11.63
N SER B 304 14.23 -20.48 -10.51
CA SER B 304 13.53 -20.48 -9.23
C SER B 304 12.76 -19.17 -9.04
N TYR B 305 11.80 -19.20 -8.13
CA TYR B 305 11.09 -17.98 -7.73
C TYR B 305 12.07 -16.87 -7.32
N LYS B 306 13.02 -17.21 -6.45
CA LYS B 306 14.00 -16.24 -5.95
C LYS B 306 14.81 -15.62 -7.08
N GLN B 307 15.17 -16.43 -8.07
CA GLN B 307 15.92 -15.92 -9.23
C GLN B 307 15.13 -14.91 -10.03
N VAL B 308 13.84 -15.18 -10.25
CA VAL B 308 13.01 -14.26 -11.02
C VAL B 308 12.96 -12.89 -10.32
N LYS B 309 12.88 -12.90 -8.99
CA LYS B 309 12.87 -11.65 -8.22
C LYS B 309 14.16 -10.87 -8.37
N GLN B 310 15.27 -11.52 -8.70
CA GLN B 310 16.53 -10.83 -8.95
C GLN B 310 16.71 -10.27 -10.35
N LEU B 311 15.76 -10.54 -11.26
CA LEU B 311 15.87 -10.01 -12.64
C LEU B 311 15.41 -8.56 -12.68
N LYS B 312 16.18 -7.69 -12.04
CA LYS B 312 15.74 -6.30 -11.81
C LYS B 312 15.70 -5.48 -13.10
N TYR B 313 16.74 -5.58 -13.92
CA TYR B 313 16.74 -4.86 -15.19
C TYR B 313 15.65 -5.36 -16.13
N VAL B 314 15.42 -6.68 -16.16
CA VAL B 314 14.33 -7.24 -16.95
C VAL B 314 13.00 -6.59 -16.52
N GLY B 315 12.77 -6.44 -15.20
CA GLY B 315 11.55 -5.79 -14.71
C GLY B 315 11.44 -4.33 -15.18
N MET B 316 12.57 -3.62 -15.19
CA MET B 316 12.62 -2.26 -15.72
C MET B 316 12.32 -2.20 -17.21
N VAL B 317 12.83 -3.17 -17.97
CA VAL B 317 12.49 -3.29 -19.41
C VAL B 317 10.96 -3.40 -19.58
N LEU B 318 10.35 -4.26 -18.78
CA LEU B 318 8.92 -4.47 -18.83
C LEU B 318 8.14 -3.20 -18.46
N ASN B 319 8.56 -2.49 -17.42
CA ASN B 319 7.93 -1.21 -17.09
C ASN B 319 8.03 -0.19 -18.22
N GLU B 320 9.19 -0.15 -18.89
CA GLU B 320 9.38 0.81 -19.96
C GLU B 320 8.53 0.46 -21.17
N ALA B 321 8.34 -0.84 -21.45
CA ALA B 321 7.43 -1.26 -22.48
C ALA B 321 5.97 -0.89 -22.19
N LEU B 322 5.55 -1.04 -20.94
CA LEU B 322 4.24 -0.58 -20.46
C LEU B 322 4.11 0.95 -20.47
N ARG B 323 5.21 1.66 -20.34
CA ARG B 323 5.16 3.11 -20.48
C ARG B 323 4.75 3.49 -21.92
N LEU B 324 5.48 2.98 -22.89
CA LEU B 324 5.25 3.39 -24.29
C LEU B 324 3.98 2.79 -24.84
N TRP B 325 3.69 1.52 -24.50
CA TRP B 325 2.50 0.85 -25.02
C TRP B 325 1.72 0.07 -23.94
N PRO B 326 1.05 0.80 -23.06
CA PRO B 326 0.29 0.13 -21.99
C PRO B 326 -0.81 -0.68 -22.64
N THR B 327 -0.83 -1.98 -22.36
CA THR B 327 -1.59 -2.88 -23.19
C THR B 327 -3.10 -2.88 -22.88
N ALA B 328 -3.50 -2.35 -21.73
CA ALA B 328 -4.90 -1.99 -21.48
C ALA B 328 -4.87 -0.46 -21.45
N PRO B 329 -5.09 0.18 -22.61
CA PRO B 329 -4.69 1.59 -22.75
C PRO B 329 -5.60 2.65 -22.14
N ALA B 330 -6.75 2.24 -21.55
CA ALA B 330 -7.69 3.22 -20.98
C ALA B 330 -8.38 2.68 -19.75
N PHE B 331 -8.73 3.59 -18.86
CA PHE B 331 -9.74 3.29 -17.83
C PHE B 331 -10.65 4.50 -17.63
N SER B 332 -11.85 4.22 -17.14
CA SER B 332 -12.91 5.23 -17.01
C SER B 332 -13.28 5.47 -15.53
N LEU B 333 -13.66 6.73 -15.24
CA LEU B 333 -14.04 7.18 -13.87
C LEU B 333 -15.31 8.01 -13.95
N TYR B 334 -16.04 8.13 -12.84
CA TYR B 334 -17.10 9.12 -12.71
C TYR B 334 -16.90 10.00 -11.49
N ALA B 335 -17.37 11.25 -11.57
CA ALA B 335 -17.34 12.14 -10.41
C ALA B 335 -18.31 11.67 -9.31
N LYS B 336 -17.80 11.45 -8.09
CA LYS B 336 -18.67 11.08 -6.97
C LYS B 336 -19.63 12.20 -6.55
N GLU B 337 -19.14 13.44 -6.64
CA GLU B 337 -19.92 14.64 -6.35
C GLU B 337 -19.47 15.76 -7.28
N ASP B 338 -20.22 16.87 -7.31
CA ASP B 338 -19.79 18.06 -8.05
C ASP B 338 -18.35 18.39 -7.64
N THR B 339 -17.51 18.76 -8.59
CA THR B 339 -16.12 19.09 -8.27
C THR B 339 -15.51 19.82 -9.45
N VAL B 340 -14.37 20.45 -9.22
CA VAL B 340 -13.70 21.22 -10.26
C VAL B 340 -12.38 20.56 -10.50
N LEU B 341 -12.12 20.28 -11.75
CA LEU B 341 -10.92 19.62 -12.13
C LEU B 341 -9.92 20.66 -12.58
N GLY B 342 -8.72 20.57 -12.02
CA GLY B 342 -7.58 21.41 -12.45
C GLY B 342 -7.74 22.90 -12.19
N GLY B 343 -8.70 23.27 -11.34
CA GLY B 343 -9.08 24.67 -11.13
C GLY B 343 -9.79 25.35 -12.30
N GLU B 344 -10.13 24.58 -13.34
CA GLU B 344 -10.62 25.17 -14.60
C GLU B 344 -11.85 24.50 -15.23
N TYR B 345 -12.13 23.24 -14.89
CA TYR B 345 -13.18 22.46 -15.53
C TYR B 345 -14.17 21.95 -14.50
N PRO B 346 -15.32 22.64 -14.34
CA PRO B 346 -16.29 22.15 -13.36
C PRO B 346 -16.98 20.91 -13.91
N LEU B 347 -17.16 19.93 -13.03
CA LEU B 347 -17.80 18.67 -13.33
C LEU B 347 -18.97 18.51 -12.38
N GLU B 348 -20.04 17.91 -12.88
CA GLU B 348 -21.20 17.55 -12.07
C GLU B 348 -21.12 16.09 -11.65
N LYS B 349 -21.69 15.79 -10.48
CA LYS B 349 -21.87 14.42 -10.05
C LYS B 349 -22.29 13.52 -11.22
N GLY B 350 -21.60 12.38 -11.34
CA GLY B 350 -21.91 11.41 -12.38
C GLY B 350 -21.12 11.61 -13.69
N ASP B 351 -20.49 12.77 -13.87
CA ASP B 351 -19.81 13.04 -15.16
C ASP B 351 -18.62 12.08 -15.30
N GLU B 352 -18.40 11.67 -16.53
CA GLU B 352 -17.40 10.64 -16.88
C GLU B 352 -16.10 11.23 -17.37
N LEU B 353 -15.01 10.56 -16.99
CA LEU B 353 -13.66 10.85 -17.46
C LEU B 353 -13.07 9.58 -18.01
N SER B 354 -12.22 9.68 -19.04
CA SER B 354 -11.46 8.51 -19.52
CA SER B 354 -11.46 8.52 -19.53
C SER B 354 -9.99 8.90 -19.53
N VAL B 355 -9.15 8.07 -18.94
CA VAL B 355 -7.72 8.28 -18.86
C VAL B 355 -7.11 7.60 -20.07
N LEU B 356 -6.45 8.39 -20.91
CA LEU B 356 -5.76 7.89 -22.08
C LEU B 356 -4.30 7.57 -21.74
N ILE B 357 -4.04 6.33 -21.32
CA ILE B 357 -2.78 5.99 -20.66
C ILE B 357 -1.50 6.22 -21.54
N PRO B 358 -1.52 5.81 -22.83
CA PRO B 358 -0.32 6.06 -23.66
C PRO B 358 0.05 7.51 -23.80
N GLN B 359 -0.94 8.39 -23.72
CA GLN B 359 -0.71 9.78 -23.81
C GLN B 359 -0.20 10.33 -22.47
N LEU B 360 -0.78 9.92 -21.35
CA LEU B 360 -0.22 10.22 -20.01
C LEU B 360 1.29 9.91 -20.00
N HIS B 361 1.62 8.74 -20.50
CA HIS B 361 2.99 8.21 -20.49
C HIS B 361 3.97 8.89 -21.46
N ARG B 362 3.44 9.82 -22.24
CA ARG B 362 4.22 10.67 -23.12
C ARG B 362 4.25 12.18 -22.69
N ASP B 363 3.77 12.48 -21.49
CA ASP B 363 3.76 13.84 -20.95
C ASP B 363 5.23 14.31 -20.79
N LYS B 364 5.68 15.23 -21.65
CA LYS B 364 7.07 15.66 -21.63
C LYS B 364 7.43 16.42 -20.34
N THR B 365 6.43 17.01 -19.68
CA THR B 365 6.68 17.74 -18.42
C THR B 365 7.11 16.76 -17.34
N ILE B 366 6.80 15.47 -17.53
CA ILE B 366 7.19 14.41 -16.60
C ILE B 366 8.47 13.70 -17.02
N TRP B 367 8.50 13.22 -18.27
CA TRP B 367 9.51 12.28 -18.69
C TRP B 367 10.69 12.93 -19.42
N GLY B 368 10.53 14.18 -19.81
CA GLY B 368 11.56 14.93 -20.50
C GLY B 368 11.44 14.82 -22.00
N ASP B 369 12.43 15.39 -22.69
CA ASP B 369 12.40 15.53 -24.15
C ASP B 369 12.61 14.20 -24.90
N ASP B 370 13.21 13.21 -24.23
CA ASP B 370 13.51 11.94 -24.86
C ASP B 370 12.37 10.92 -24.67
N VAL B 371 11.15 11.39 -24.54
CA VAL B 371 9.99 10.57 -24.16
C VAL B 371 9.69 9.37 -25.09
N GLU B 372 10.04 9.49 -26.36
CA GLU B 372 9.83 8.39 -27.31
C GLU B 372 10.92 7.32 -27.24
N GLU B 373 12.06 7.60 -26.59
CA GLU B 373 13.16 6.65 -26.46
C GLU B 373 12.83 5.54 -25.46
N PHE B 374 13.37 4.36 -25.74
CA PHE B 374 13.16 3.20 -24.91
C PHE B 374 14.36 3.14 -23.95
N ARG B 375 14.13 3.58 -22.72
CA ARG B 375 15.18 3.73 -21.71
C ARG B 375 14.71 3.16 -20.38
N PRO B 376 14.96 1.86 -20.14
CA PRO B 376 14.51 1.22 -18.89
C PRO B 376 15.03 1.89 -17.60
N GLU B 377 16.17 2.56 -17.71
CA GLU B 377 16.82 3.26 -16.60
C GLU B 377 15.93 4.35 -15.94
N ARG B 378 14.92 4.83 -16.65
CA ARG B 378 13.90 5.74 -16.08
C ARG B 378 13.25 5.16 -14.85
N PHE B 379 13.19 3.83 -14.75
CA PHE B 379 12.54 3.14 -13.60
C PHE B 379 13.46 2.70 -12.47
N GLU B 380 14.67 3.18 -12.48
CA GLU B 380 15.64 2.81 -11.45
C GLU B 380 15.21 3.24 -9.99
N ASN B 381 14.55 4.38 -9.85
CA ASN B 381 14.12 4.90 -8.54
C ASN B 381 12.64 5.35 -8.57
N PRO B 382 11.72 4.50 -8.05
CA PRO B 382 10.31 4.89 -7.97
C PRO B 382 10.04 6.28 -7.32
N SER B 383 10.88 6.70 -6.38
CA SER B 383 10.68 7.98 -5.70
C SER B 383 10.90 9.20 -6.60
N ALA B 384 11.60 9.02 -7.73
CA ALA B 384 11.84 10.09 -8.69
C ALA B 384 10.68 10.31 -9.64
N ILE B 385 9.69 9.42 -9.62
CA ILE B 385 8.55 9.51 -10.49
C ILE B 385 7.39 10.22 -9.77
N PRO B 386 6.87 11.31 -10.35
CA PRO B 386 5.76 12.00 -9.70
C PRO B 386 4.52 11.13 -9.57
N GLN B 387 3.68 11.49 -8.60
CA GLN B 387 2.50 10.67 -8.31
C GLN B 387 1.63 10.59 -9.52
N HIS B 388 1.11 9.39 -9.80
CA HIS B 388 0.14 9.12 -10.84
C HIS B 388 0.66 9.40 -12.25
N ALA B 389 1.98 9.43 -12.44
CA ALA B 389 2.59 9.59 -13.78
C ALA B 389 2.56 8.30 -14.60
N PHE B 390 2.56 7.16 -13.91
CA PHE B 390 2.69 5.85 -14.53
C PHE B 390 1.57 4.93 -14.04
N LYS B 391 0.57 4.70 -14.89
CA LYS B 391 -0.63 3.99 -14.50
C LYS B 391 -1.02 2.81 -15.41
N PRO B 392 -0.05 1.96 -15.81
CA PRO B 392 -0.45 0.82 -16.68
C PRO B 392 -1.40 -0.19 -16.04
N PHE B 393 -1.45 -0.25 -14.70
CA PHE B 393 -2.32 -1.18 -13.94
C PHE B 393 -3.52 -0.48 -13.27
N GLY B 394 -3.90 0.69 -13.76
CA GLY B 394 -5.02 1.41 -13.20
C GLY B 394 -4.71 2.06 -11.87
N ASN B 395 -5.75 2.21 -11.06
CA ASN B 395 -5.71 3.08 -9.89
C ASN B 395 -6.42 2.61 -8.67
N GLY B 396 -5.72 2.75 -7.55
CA GLY B 396 -6.33 2.66 -6.21
C GLY B 396 -6.93 1.27 -5.94
N GLN B 397 -8.03 1.21 -5.21
CA GLN B 397 -8.63 -0.08 -4.86
C GLN B 397 -9.14 -0.85 -6.08
N ARG B 398 -9.39 -0.15 -7.20
CA ARG B 398 -9.76 -0.80 -8.47
C ARG B 398 -8.58 -1.02 -9.45
N ALA B 399 -7.35 -0.98 -8.93
CA ALA B 399 -6.16 -1.32 -9.74
C ALA B 399 -6.17 -2.83 -10.05
N CYS B 400 -5.30 -3.22 -10.98
CA CYS B 400 -5.17 -4.58 -11.41
C CYS B 400 -4.83 -5.50 -10.27
N ILE B 401 -5.72 -6.43 -9.99
CA ILE B 401 -5.44 -7.44 -8.95
C ILE B 401 -4.33 -8.43 -9.42
N GLY B 402 -4.20 -8.57 -10.73
CA GLY B 402 -3.24 -9.49 -11.34
C GLY B 402 -1.85 -8.92 -11.64
N GLN B 403 -1.54 -7.73 -11.11
CA GLN B 403 -0.30 -7.06 -11.45
C GLN B 403 0.92 -7.92 -11.14
N GLN B 404 0.99 -8.47 -9.93
CA GLN B 404 2.14 -9.30 -9.52
C GLN B 404 2.24 -10.59 -10.38
N PHE B 405 1.09 -11.18 -10.73
CA PHE B 405 1.03 -12.36 -11.58
C PHE B 405 1.59 -12.02 -12.93
N ALA B 406 1.14 -10.92 -13.50
CA ALA B 406 1.54 -10.54 -14.84
C ALA B 406 3.03 -10.31 -14.93
N LEU B 407 3.55 -9.58 -13.94
CA LEU B 407 4.95 -9.18 -13.93
C LEU B 407 5.88 -10.37 -13.59
N HIS B 408 5.44 -11.27 -12.71
CA HIS B 408 6.22 -12.49 -12.46
C HIS B 408 6.33 -13.35 -13.70
N GLU B 409 5.20 -13.59 -14.34
CA GLU B 409 5.14 -14.34 -15.57
C GLU B 409 6.00 -13.73 -16.67
N ALA B 410 5.83 -12.43 -16.90
CA ALA B 410 6.55 -11.76 -17.98
C ALA B 410 8.07 -11.70 -17.70
N THR B 411 8.44 -11.53 -16.43
CA THR B 411 9.85 -11.48 -16.03
C THR B 411 10.51 -12.86 -16.22
N LEU B 412 9.84 -13.90 -15.73
CA LEU B 412 10.30 -15.27 -15.91
C LEU B 412 10.54 -15.59 -17.38
N VAL B 413 9.53 -15.30 -18.20
CA VAL B 413 9.53 -15.76 -19.57
C VAL B 413 10.54 -14.93 -20.39
N LEU B 414 10.55 -13.62 -20.21
CA LEU B 414 11.53 -12.76 -20.90
C LEU B 414 12.94 -13.16 -20.46
N GLY B 415 13.12 -13.42 -19.16
CA GLY B 415 14.43 -13.93 -18.69
C GLY B 415 14.86 -15.21 -19.41
N MET B 416 13.97 -16.16 -19.53
CA MET B 416 14.32 -17.45 -20.18
C MET B 416 14.60 -17.26 -21.69
N MET B 417 13.81 -16.44 -22.35
CA MET B 417 14.00 -16.19 -23.77
C MET B 417 15.38 -15.59 -24.07
N LEU B 418 15.78 -14.59 -23.29
CA LEU B 418 17.11 -13.98 -23.40
C LEU B 418 18.26 -14.92 -23.02
N LYS B 419 18.05 -15.77 -22.02
CA LYS B 419 19.04 -16.78 -21.65
C LYS B 419 19.30 -17.78 -22.79
N HIS B 420 18.26 -18.19 -23.50
CA HIS B 420 18.35 -19.32 -24.43
C HIS B 420 18.58 -18.99 -25.91
N PHE B 421 18.31 -17.75 -26.31
CA PHE B 421 18.33 -17.38 -27.71
C PHE B 421 18.87 -15.98 -27.96
N ASP B 422 19.51 -15.81 -29.11
CA ASP B 422 19.61 -14.49 -29.76
C ASP B 422 18.51 -14.41 -30.80
N PHE B 423 17.92 -13.23 -30.90
CA PHE B 423 16.83 -12.99 -31.85
C PHE B 423 17.29 -12.09 -33.00
N GLU B 424 16.86 -12.43 -34.21
CA GLU B 424 17.15 -11.65 -35.42
C GLU B 424 15.86 -11.04 -36.01
N ASP B 425 15.90 -9.73 -36.26
CA ASP B 425 14.83 -8.99 -36.96
C ASP B 425 15.02 -9.21 -38.47
N HIS B 426 14.75 -10.42 -38.92
CA HIS B 426 14.99 -10.82 -40.31
C HIS B 426 14.17 -10.06 -41.36
N THR B 427 13.05 -9.42 -41.00
CA THR B 427 12.26 -8.67 -42.00
C THR B 427 12.38 -7.17 -41.91
N ASN B 428 13.18 -6.65 -40.99
CA ASN B 428 13.19 -5.21 -40.65
C ASN B 428 11.79 -4.73 -40.33
N TYR B 429 11.17 -5.37 -39.33
CA TYR B 429 9.75 -5.25 -39.06
C TYR B 429 9.36 -3.81 -38.71
N GLU B 430 8.31 -3.32 -39.36
CA GLU B 430 7.75 -1.99 -39.06
C GLU B 430 6.57 -2.08 -38.08
N LEU B 431 6.70 -1.43 -36.93
CA LEU B 431 5.71 -1.60 -35.84
C LEU B 431 4.31 -1.26 -36.36
N ASP B 432 3.38 -2.18 -36.17
CA ASP B 432 1.99 -2.03 -36.57
C ASP B 432 1.17 -2.52 -35.36
N ILE B 433 0.46 -1.60 -34.73
CA ILE B 433 -0.20 -1.89 -33.47
C ILE B 433 -1.65 -2.18 -33.71
N LYS B 434 -2.01 -3.44 -33.53
CA LYS B 434 -3.39 -3.90 -33.66
C LYS B 434 -4.16 -3.61 -32.37
N GLU B 435 -5.42 -3.23 -32.55
CA GLU B 435 -6.29 -2.90 -31.42
C GLU B 435 -7.47 -3.84 -31.33
N THR B 436 -7.62 -4.49 -30.18
CA THR B 436 -8.83 -5.22 -29.85
C THR B 436 -9.42 -4.39 -28.71
N LEU B 437 -9.71 -4.98 -27.57
CA LEU B 437 -9.81 -4.13 -26.39
C LEU B 437 -8.42 -3.86 -25.76
N THR B 438 -7.38 -4.51 -26.29
CA THR B 438 -6.01 -4.28 -25.82
C THR B 438 -5.15 -3.97 -27.04
N LEU B 439 -3.87 -3.71 -26.79
CA LEU B 439 -2.90 -3.37 -27.85
C LEU B 439 -1.84 -4.47 -28.01
N LYS B 440 -1.50 -4.80 -29.25
CA LYS B 440 -0.36 -5.71 -29.52
C LYS B 440 0.28 -5.44 -30.90
N PRO B 441 1.58 -5.78 -31.07
CA PRO B 441 2.21 -5.56 -32.38
C PRO B 441 1.89 -6.63 -33.42
N GLU B 442 1.07 -6.31 -34.41
CA GLU B 442 0.65 -7.28 -35.44
C GLU B 442 1.76 -7.61 -36.41
N GLY B 443 1.90 -8.89 -36.72
CA GLY B 443 2.89 -9.34 -37.69
C GLY B 443 4.34 -9.27 -37.22
N PHE B 444 4.60 -9.07 -35.93
CA PHE B 444 5.97 -9.07 -35.42
C PHE B 444 6.50 -10.53 -35.50
N VAL B 445 7.58 -10.69 -36.25
CA VAL B 445 8.24 -11.93 -36.45
C VAL B 445 9.76 -11.76 -36.27
N VAL B 446 10.39 -12.81 -35.78
CA VAL B 446 11.84 -12.85 -35.59
C VAL B 446 12.34 -14.26 -35.94
N LYS B 447 13.65 -14.37 -36.11
CA LYS B 447 14.32 -15.69 -36.16
C LYS B 447 15.17 -15.81 -34.91
N ALA B 448 15.22 -17.02 -34.34
CA ALA B 448 16.00 -17.26 -33.14
C ALA B 448 17.22 -18.07 -33.50
N LYS B 449 18.32 -17.77 -32.83
CA LYS B 449 19.51 -18.59 -32.89
C LYS B 449 19.74 -19.12 -31.50
N SER B 450 19.59 -20.43 -31.33
CA SER B 450 19.75 -21.06 -30.00
C SER B 450 21.15 -20.83 -29.45
N LYS B 451 21.23 -20.50 -28.17
CA LYS B 451 22.53 -20.51 -27.48
C LYS B 451 22.91 -21.92 -27.01
N LYS B 452 22.03 -22.89 -27.23
CA LYS B 452 22.29 -24.30 -26.94
C LYS B 452 22.54 -24.54 -25.44
N ILE B 453 21.71 -23.94 -24.59
CA ILE B 453 21.83 -24.13 -23.16
C ILE B 453 20.74 -25.08 -22.75
N PRO B 454 21.10 -26.25 -22.19
CA PRO B 454 20.08 -27.25 -21.89
C PRO B 454 19.13 -26.85 -20.79
N LEU B 455 17.95 -27.45 -20.79
CA LEU B 455 16.92 -27.22 -19.77
C LEU B 455 16.93 -28.40 -18.77
CHA HEM C . -1.10 1.24 22.73
CHB HEM C . 2.14 2.77 19.46
CHC HEM C . 0.10 7.20 19.56
CHD HEM C . -2.74 5.75 23.23
C1A HEM C . -0.08 1.29 21.81
C2A HEM C . 0.74 0.17 21.48
C3A HEM C . 1.66 0.59 20.57
C4A HEM C . 1.42 1.98 20.33
CMA HEM C . 2.73 -0.28 19.96
CAA HEM C . 0.66 -1.25 22.03
CBA HEM C . 1.58 -1.41 23.25
CGA HEM C . 1.61 -2.81 23.85
O1A HEM C . 2.04 -2.94 24.98
O2A HEM C . 1.24 -3.83 23.23
C1B HEM C . 1.87 4.14 19.18
C2B HEM C . 2.58 4.92 18.21
C3B HEM C . 2.01 6.17 18.20
C4B HEM C . 0.93 6.13 19.24
CMB HEM C . 3.73 4.42 17.34
CAB HEM C . 2.28 7.36 17.36
CBB HEM C . 2.97 7.34 16.19
C1C HEM C . -0.88 7.23 20.57
C2C HEM C . -1.74 8.32 20.88
C3C HEM C . -2.55 7.91 21.96
C4C HEM C . -2.18 6.55 22.26
CMC HEM C . -1.73 9.67 20.19
CAC HEM C . -3.64 8.63 22.66
CBC HEM C . -4.23 9.75 22.25
C1D HEM C . -2.48 4.39 23.36
C2D HEM C . -3.22 3.57 24.34
C3D HEM C . -2.76 2.32 24.22
C4D HEM C . -1.76 2.38 23.15
CMD HEM C . -4.26 4.06 25.32
CAD HEM C . -3.24 1.12 25.01
CBD HEM C . -4.48 0.55 24.30
CGD HEM C . -5.06 -0.67 25.01
O1D HEM C . -4.31 -1.61 25.35
O2D HEM C . -6.28 -0.75 25.25
NA HEM C . 0.35 2.39 21.12
NB HEM C . 0.93 4.89 19.75
NC HEM C . -1.18 6.18 21.38
ND HEM C . -1.63 3.64 22.63
FE HEM C . -0.41 4.23 21.24
CHA HEM D . -7.86 -4.55 -13.65
CHB HEM D . -4.14 -3.75 -16.64
CHC HEM D . -2.81 -8.42 -16.21
CHD HEM D . -6.86 -9.31 -13.69
C1A HEM D . -6.94 -3.93 -14.46
C2A HEM D . -6.98 -2.54 -14.79
C3A HEM D . -5.94 -2.31 -15.64
C4A HEM D . -5.26 -3.57 -15.84
CMA HEM D . -5.55 -1.01 -16.31
CAA HEM D . -7.97 -1.49 -14.33
CBA HEM D . -9.13 -1.43 -15.31
CGA HEM D . -10.18 -0.35 -15.03
O1A HEM D . -9.97 0.58 -14.22
O2A HEM D . -11.28 -0.38 -15.66
C1B HEM D . -3.44 -4.97 -16.80
C2B HEM D . -2.23 -5.11 -17.56
C3B HEM D . -1.83 -6.43 -17.43
C4B HEM D . -2.85 -7.08 -16.58
CMB HEM D . -1.57 -3.99 -18.35
CAB HEM D . -0.63 -7.14 -17.94
CBB HEM D . 0.46 -6.55 -18.40
C1C HEM D . -3.77 -9.11 -15.45
C2C HEM D . -3.71 -10.47 -15.03
C3C HEM D . -4.89 -10.74 -14.32
C4C HEM D . -5.65 -9.50 -14.32
CMC HEM D . -2.59 -11.43 -15.34
CAC HEM D . -5.32 -11.97 -13.62
CBC HEM D . -4.56 -13.04 -13.36
C1D HEM D . -7.43 -8.04 -13.49
C2D HEM D . -8.65 -7.91 -12.69
C3D HEM D . -8.95 -6.59 -12.68
C4D HEM D . -7.87 -5.93 -13.45
CMD HEM D . -9.45 -9.03 -12.05
CAD HEM D . -10.14 -5.96 -11.97
CBD HEM D . -9.71 -5.64 -10.52
CGD HEM D . -10.79 -4.98 -9.70
O1D HEM D . -11.08 -5.41 -8.54
O2D HEM D . -11.40 -3.98 -10.16
NA HEM D . -5.89 -4.55 -15.11
NB HEM D . -3.74 -6.15 -16.24
NC HEM D . -4.92 -8.55 -14.97
ND HEM D . -6.95 -6.83 -13.91
FE HEM D . -5.41 -6.50 -15.01
CO CO E . -30.84 6.25 -37.45
C1 5KK F . -29.68 5.16 -34.85
N1 5KK F . -29.30 5.58 -36.21
C4 5KK F . -28.19 6.54 -36.27
C7 5KK F . -28.03 7.10 -37.69
N4 5KK F . -29.25 7.78 -38.17
C11 5KK F . -29.32 7.77 -39.64
N8 5KK F . -30.68 7.43 -40.20
C10 5KK F . -30.93 5.99 -40.49
N6 5KK F . -30.49 5.05 -39.43
C8 5KK F . -31.47 3.95 -39.26
C6 5KK F . -32.28 4.04 -37.95
N3 5KK F . -31.49 3.82 -36.74
C3 5KK F . -32.07 4.53 -35.58
N7 5KK F . -31.14 5.22 -34.62
C2 5KK F . -31.62 6.58 -34.33
N2 5KK F . -31.61 7.47 -35.50
C5 5KK F . -32.93 7.81 -36.05
C9 5KK F . -32.72 8.56 -37.38
N5 5KK F . -32.37 7.56 -38.42
C12 5KK F . -31.82 8.19 -39.62
CL CL G . -30.51 0.79 -35.31
#